data_4ZS6
#
_entry.id   4ZS6
#
_cell.length_a   81.492
_cell.length_b   64.461
_cell.length_c   186.049
_cell.angle_alpha   90.000
_cell.angle_beta   100.430
_cell.angle_gamma   90.000
#
_symmetry.space_group_name_H-M   'P 1 21 1'
#
loop_
_entity.id
_entity.type
_entity.pdbx_description
1 polymer 'fab Light Chain'
2 polymer 'fab Heavy Chain'
3 polymer 'S protein'
4 non-polymer 2-acetamido-2-deoxy-beta-D-glucopyranose
#
loop_
_entity_poly.entity_id
_entity_poly.type
_entity_poly.pdbx_seq_one_letter_code
_entity_poly.pdbx_strand_id
1 'polypeptide(L)'
;AIRMTQSPSFLSASVGDRVTITCRASQDINSFLAWYQQRPGKAPKLLIYGASNLETGVPSRFSGGGSGTDFTLTISSLQP
EDIATYYCQQYDKLPTFGQGTRLEIKRTVAAPSVFIFPPSDEQLKSGTASVVCLLNNFYPREAKVQWKVDNALQSGNSQE
SVTEQDSKDSTYSLSSTLTLSKADYEKHKVYACEVTHQGLSSPVTKSFNRGEC
;
L,D
2 'polypeptide(L)'
;EVQLLETGGGLVKPGGSLRLSCAASGFSLSDYYMNWIRQAPGKGLEWVAYISSSSGYTNYGDSVKGRFTISRDHAKNSLY
LQMNSLRVEDTAVYYCVRDRDDFWSGYYKHWGLGTLVTVSSASTKGPSVFPLAPSSKSTSGGTAALGCLVKDYFPEPVTV
SWNSGALTSGVHTFPAVLQSSGLYSLSSVVTVPSSSLGTQTYICNVNHKPSNTKVDKKVEPKSCDKT
;
H,C
3 'polypeptide(L)'
;EAKPSGSVVEQAEGVECDFSPLLSGTPPQVYNFKRLVFTNCNYNLTKLLSLFSVNDFTCSQISPAAIASNCYSSLILDYF
SYPLSMKSDLSVSSAGPISQFNYKQSFSNPTCLILATVPHNLTTITKPLKYSYINKCSRLLSDDRTEVPQLVNANQYSPC
VSIVPSTVWEDGDYYRKQLSPLEGGGWLVASGSTVAMTEQLQMGFGITVQYGTDTNSVCPKLEHHHHHH
;
A,B
#
# COMPACT_ATOMS: atom_id res chain seq x y z
N ALA A 1 -22.41 -28.95 20.71
CA ALA A 1 -21.99 -27.61 21.11
C ALA A 1 -23.06 -26.88 21.94
N ILE A 2 -22.68 -25.82 22.65
CA ILE A 2 -23.64 -24.95 23.33
C ILE A 2 -24.16 -23.94 22.34
N ARG A 3 -25.47 -23.79 22.22
CA ARG A 3 -26.04 -22.87 21.21
C ARG A 3 -26.47 -21.53 21.77
N MET A 4 -25.81 -20.45 21.32
CA MET A 4 -26.23 -19.12 21.71
C MET A 4 -27.28 -18.59 20.75
N THR A 5 -28.43 -18.25 21.31
CA THR A 5 -29.56 -17.77 20.52
C THR A 5 -29.77 -16.30 20.77
N GLN A 6 -29.47 -15.51 19.75
CA GLN A 6 -29.50 -14.07 19.88
C GLN A 6 -30.73 -13.50 19.16
N SER A 7 -31.30 -12.42 19.70
CA SER A 7 -32.49 -11.80 19.15
C SER A 7 -32.64 -10.34 19.58
N PRO A 8 -33.16 -9.48 18.71
CA PRO A 8 -33.65 -9.73 17.35
C PRO A 8 -32.51 -9.82 16.36
N SER A 9 -32.70 -10.44 15.19
CA SER A 9 -31.62 -10.55 14.23
C SER A 9 -31.14 -9.18 13.75
N PHE A 10 -32.09 -8.25 13.65
CA PHE A 10 -31.84 -6.92 13.11
C PHE A 10 -32.74 -5.96 13.86
N LEU A 11 -32.27 -4.77 14.16
CA LEU A 11 -33.20 -3.83 14.75
C LEU A 11 -32.82 -2.37 14.49
N SER A 12 -33.85 -1.54 14.37
CA SER A 12 -33.69 -0.14 13.98
C SER A 12 -34.27 0.80 15.04
N ALA A 13 -33.48 1.79 15.43
CA ALA A 13 -33.92 2.78 16.41
C ALA A 13 -33.25 4.12 16.17
N SER A 14 -33.90 5.22 16.54
CA SER A 14 -33.33 6.56 16.29
C SER A 14 -32.38 6.99 17.42
N VAL A 15 -31.65 8.08 17.21
CA VAL A 15 -30.60 8.45 18.14
C VAL A 15 -31.20 8.84 19.49
N GLY A 16 -30.64 8.27 20.56
CA GLY A 16 -31.12 8.57 21.90
C GLY A 16 -31.90 7.41 22.45
N ASP A 17 -32.33 6.51 21.59
CA ASP A 17 -33.12 5.37 22.06
C ASP A 17 -32.33 4.38 22.92
N ARG A 18 -33.12 3.51 23.57
CA ARG A 18 -32.62 2.36 24.29
C ARG A 18 -32.84 1.17 23.37
N VAL A 19 -31.86 0.28 23.34
CA VAL A 19 -31.93 -0.89 22.50
C VAL A 19 -31.60 -2.09 23.39
N THR A 20 -32.30 -3.20 23.24
CA THR A 20 -31.93 -4.35 24.06
C THR A 20 -31.81 -5.62 23.26
N ILE A 21 -30.58 -6.13 23.18
CA ILE A 21 -30.27 -7.37 22.49
C ILE A 21 -30.21 -8.47 23.50
N THR A 22 -30.72 -9.63 23.12
CA THR A 22 -30.91 -10.72 24.03
C THR A 22 -30.19 -11.97 23.59
N CYS A 23 -29.61 -12.70 24.54
CA CYS A 23 -28.88 -13.93 24.26
C CYS A 23 -29.32 -15.08 25.18
N ARG A 24 -29.56 -16.26 24.62
CA ARG A 24 -29.99 -17.42 25.44
C ARG A 24 -29.14 -18.66 25.20
N ALA A 25 -28.60 -19.22 26.27
CA ALA A 25 -27.75 -20.38 26.17
C ALA A 25 -28.55 -21.66 26.37
N SER A 26 -28.17 -22.73 25.66
CA SER A 26 -28.88 -24.00 25.80
C SER A 26 -28.44 -24.78 27.03
N GLN A 27 -27.60 -24.16 27.87
CA GLN A 27 -27.35 -24.65 29.22
C GLN A 27 -26.73 -23.54 30.08
N ASP A 28 -26.82 -23.69 31.41
CA ASP A 28 -26.25 -22.73 32.35
C ASP A 28 -24.79 -22.42 32.00
N ILE A 29 -24.47 -21.16 31.84
CA ILE A 29 -23.08 -20.76 31.54
C ILE A 29 -22.54 -19.71 32.48
N ASN A 30 -23.24 -19.53 33.60
CA ASN A 30 -22.70 -18.87 34.79
C ASN A 30 -21.97 -17.55 34.52
N SER A 31 -22.66 -16.56 33.96
CA SER A 31 -21.99 -15.29 33.72
C SER A 31 -20.66 -15.36 32.90
N PHE A 32 -20.38 -16.48 32.25
CA PHE A 32 -19.27 -16.55 31.32
C PHE A 32 -19.66 -16.11 29.93
N LEU A 33 -20.06 -14.87 29.76
CA LEU A 33 -20.50 -14.44 28.44
C LEU A 33 -20.01 -13.05 28.00
N ALA A 34 -19.40 -12.96 26.82
CA ALA A 34 -18.95 -11.64 26.36
C ALA A 34 -19.84 -11.07 25.27
N TRP A 35 -19.79 -9.75 25.11
CA TRP A 35 -20.45 -9.06 24.00
C TRP A 35 -19.44 -8.30 23.15
N TYR A 36 -19.58 -8.43 21.83
CA TYR A 36 -18.65 -7.83 20.90
C TYR A 36 -19.41 -6.93 19.95
N GLN A 37 -18.75 -5.90 19.42
CA GLN A 37 -19.31 -4.98 18.44
C GLN A 37 -18.47 -5.05 17.21
N GLN A 38 -19.07 -5.35 16.06
CA GLN A 38 -18.30 -5.37 14.82
C GLN A 38 -18.84 -4.35 13.83
N ARG A 39 -18.11 -3.23 13.75
CA ARG A 39 -18.41 -2.12 12.86
C ARG A 39 -18.05 -2.51 11.45
N PRO A 40 -18.89 -2.11 10.47
CA PRO A 40 -18.70 -2.47 9.05
C PRO A 40 -17.24 -2.52 8.60
N GLY A 41 -16.80 -3.73 8.25
CA GLY A 41 -15.47 -3.97 7.72
C GLY A 41 -14.28 -4.03 8.67
N LYS A 42 -14.52 -4.47 9.92
CA LYS A 42 -13.46 -4.53 10.93
C LYS A 42 -13.53 -5.76 11.83
N ALA A 43 -12.48 -5.94 12.61
CA ALA A 43 -12.49 -6.97 13.63
C ALA A 43 -13.50 -6.55 14.70
N PRO A 44 -14.06 -7.51 15.45
CA PRO A 44 -14.94 -7.17 16.57
C PRO A 44 -14.21 -6.40 17.66
N LYS A 45 -14.93 -5.57 18.40
CA LYS A 45 -14.35 -4.83 19.50
C LYS A 45 -15.00 -5.40 20.74
N LEU A 46 -14.22 -5.61 21.80
CA LEU A 46 -14.79 -6.12 23.02
C LEU A 46 -15.57 -5.06 23.78
N LEU A 47 -16.84 -5.31 24.07
CA LEU A 47 -17.63 -4.37 24.86
C LEU A 47 -17.75 -4.78 26.33
N ILE A 48 -18.26 -6.00 26.53
CA ILE A 48 -18.61 -6.53 27.85
C ILE A 48 -18.05 -7.92 28.10
N TYR A 49 -17.29 -8.08 29.17
CA TYR A 49 -16.82 -9.39 29.59
C TYR A 49 -17.52 -9.62 30.91
N GLY A 50 -17.30 -10.74 31.57
CA GLY A 50 -18.17 -11.06 32.69
C GLY A 50 -19.52 -11.20 32.04
N ALA A 51 -20.60 -11.06 32.78
CA ALA A 51 -21.85 -11.02 32.06
C ALA A 51 -22.27 -9.55 31.95
N SER A 52 -21.62 -8.75 32.77
CA SER A 52 -22.02 -7.37 33.01
C SER A 52 -20.85 -6.37 33.08
N ASN A 53 -19.62 -6.84 32.86
CA ASN A 53 -18.42 -6.04 33.05
C ASN A 53 -17.99 -5.22 31.85
N LEU A 54 -17.90 -3.91 32.04
CA LEU A 54 -17.59 -2.97 30.97
C LEU A 54 -16.10 -2.86 30.67
N GLU A 55 -15.67 -3.29 29.48
CA GLU A 55 -14.26 -3.19 29.14
C GLU A 55 -13.84 -1.74 29.00
N THR A 56 -12.77 -1.34 29.69
CA THR A 56 -12.37 0.08 29.74
C THR A 56 -12.17 0.66 28.34
N GLY A 57 -12.72 1.86 28.17
CA GLY A 57 -12.69 2.56 26.90
C GLY A 57 -13.93 2.36 26.06
N VAL A 58 -14.94 1.68 26.61
CA VAL A 58 -16.27 1.73 25.97
C VAL A 58 -17.13 2.66 26.82
N PRO A 59 -17.93 3.52 26.15
CA PRO A 59 -18.79 4.50 26.82
C PRO A 59 -19.77 3.82 27.77
N SER A 60 -20.13 4.44 28.89
CA SER A 60 -21.00 3.80 29.89
C SER A 60 -22.46 3.57 29.45
N ARG A 61 -22.81 4.03 28.25
CA ARG A 61 -24.14 3.79 27.69
C ARG A 61 -24.34 2.32 27.30
N PHE A 62 -23.26 1.56 27.18
CA PHE A 62 -23.33 0.10 27.05
C PHE A 62 -23.43 -0.55 28.42
N SER A 63 -24.34 -1.50 28.58
CA SER A 63 -24.40 -2.21 29.85
C SER A 63 -24.87 -3.64 29.61
N GLY A 64 -24.20 -4.57 30.27
CA GLY A 64 -24.56 -5.97 30.14
C GLY A 64 -25.12 -6.46 31.44
N GLY A 65 -26.01 -7.43 31.36
CA GLY A 65 -26.63 -7.99 32.53
C GLY A 65 -27.08 -9.40 32.23
N GLY A 66 -27.43 -10.13 33.27
CA GLY A 66 -27.92 -11.49 33.13
C GLY A 66 -26.91 -12.46 33.70
N SER A 67 -27.37 -13.68 33.94
CA SER A 67 -26.54 -14.80 34.39
C SER A 67 -27.32 -16.09 34.21
N GLY A 68 -26.64 -17.23 34.34
CA GLY A 68 -27.31 -18.50 34.15
C GLY A 68 -27.47 -18.78 32.68
N THR A 69 -28.66 -18.58 32.15
CA THR A 69 -28.92 -18.84 30.74
C THR A 69 -29.48 -17.67 29.94
N ASP A 70 -29.83 -16.56 30.59
CA ASP A 70 -30.46 -15.41 29.90
C ASP A 70 -29.81 -14.03 30.15
N PHE A 71 -29.35 -13.42 29.06
CA PHE A 71 -28.49 -12.24 29.09
C PHE A 71 -28.99 -11.12 28.16
N THR A 72 -28.80 -9.86 28.55
CA THR A 72 -29.08 -8.74 27.66
C THR A 72 -27.90 -7.80 27.52
N LEU A 73 -27.67 -7.31 26.31
CA LEU A 73 -26.84 -6.14 26.09
C LEU A 73 -27.77 -4.98 25.89
N THR A 74 -27.44 -3.85 26.48
CA THR A 74 -28.37 -2.76 26.43
C THR A 74 -27.62 -1.49 26.11
N ILE A 75 -27.71 -1.01 24.88
CA ILE A 75 -27.19 0.30 24.55
C ILE A 75 -28.31 1.30 24.81
N SER A 76 -28.13 2.25 25.71
CA SER A 76 -29.22 3.16 26.00
C SER A 76 -28.74 4.61 25.92
N SER A 77 -29.23 5.31 24.89
CA SER A 77 -28.81 6.64 24.38
C SER A 77 -27.96 6.39 23.15
N LEU A 78 -28.55 5.59 22.26
CA LEU A 78 -28.05 5.28 20.93
C LEU A 78 -27.37 6.44 20.25
N GLN A 79 -26.23 6.19 19.65
CA GLN A 79 -25.53 7.22 18.93
C GLN A 79 -25.15 6.71 17.55
N PRO A 80 -25.00 7.63 16.56
CA PRO A 80 -24.82 7.27 15.15
C PRO A 80 -23.66 6.30 14.88
N GLU A 81 -22.63 6.32 15.71
CA GLU A 81 -21.50 5.42 15.53
C GLU A 81 -21.74 4.07 16.17
N ASP A 82 -22.92 3.84 16.73
CA ASP A 82 -23.15 2.51 17.28
C ASP A 82 -23.65 1.51 16.21
N ILE A 83 -23.61 1.90 14.92
CA ILE A 83 -24.03 1.00 13.83
C ILE A 83 -23.09 -0.16 13.60
N ALA A 84 -23.51 -1.37 13.92
CA ALA A 84 -22.62 -2.50 13.76
C ALA A 84 -23.36 -3.79 13.91
N THR A 85 -22.64 -4.90 13.90
CA THR A 85 -23.24 -6.15 14.30
C THR A 85 -22.70 -6.56 15.68
N TYR A 86 -23.61 -7.00 16.55
CA TYR A 86 -23.29 -7.32 17.93
C TYR A 86 -23.37 -8.81 18.10
N TYR A 87 -22.32 -9.38 18.67
CA TYR A 87 -22.27 -10.81 18.87
C TYR A 87 -22.15 -11.10 20.36
N CYS A 88 -22.72 -12.20 20.81
CA CYS A 88 -22.43 -12.67 22.15
C CYS A 88 -21.58 -13.94 22.08
N GLN A 89 -20.79 -14.19 23.11
CA GLN A 89 -19.94 -15.36 23.11
C GLN A 89 -19.83 -15.99 24.50
N GLN A 90 -20.17 -17.28 24.60
CA GLN A 90 -19.98 -17.99 25.84
C GLN A 90 -18.61 -18.64 25.87
N TYR A 91 -17.93 -18.50 27.01
CA TYR A 91 -16.64 -19.14 27.19
C TYR A 91 -16.66 -20.13 28.38
N ASP A 92 -17.78 -20.84 28.59
CA ASP A 92 -17.85 -21.79 29.68
C ASP A 92 -17.43 -23.16 29.21
N LYS A 93 -17.54 -23.37 27.92
CA LYS A 93 -17.12 -24.61 27.28
C LYS A 93 -16.49 -24.09 26.03
N LEU A 94 -15.84 -24.92 25.23
CA LEU A 94 -15.25 -24.47 23.97
C LEU A 94 -16.19 -23.44 23.32
N PRO A 95 -15.65 -22.22 23.02
CA PRO A 95 -16.42 -21.01 22.69
C PRO A 95 -17.46 -21.12 21.57
N THR A 96 -18.64 -20.56 21.77
CA THR A 96 -19.61 -20.46 20.69
C THR A 96 -20.24 -19.07 20.67
N PHE A 97 -20.63 -18.58 19.48
CA PHE A 97 -21.16 -17.22 19.33
C PHE A 97 -22.64 -17.13 18.95
N GLY A 98 -23.28 -16.04 19.35
CA GLY A 98 -24.64 -15.76 18.88
C GLY A 98 -24.64 -15.42 17.40
N GLN A 99 -25.78 -15.57 16.76
CA GLN A 99 -25.85 -15.52 15.31
C GLN A 99 -25.62 -14.13 14.79
N GLY A 100 -25.83 -13.13 15.64
CA GLY A 100 -25.63 -11.75 15.20
C GLY A 100 -26.86 -10.88 15.32
N THR A 101 -26.66 -9.59 15.61
CA THR A 101 -27.74 -8.59 15.61
C THR A 101 -27.29 -7.30 14.92
N ARG A 102 -27.92 -6.92 13.80
CA ARG A 102 -27.50 -5.69 13.12
C ARG A 102 -28.30 -4.52 13.64
N LEU A 103 -27.61 -3.44 13.94
CA LEU A 103 -28.22 -2.30 14.55
C LEU A 103 -28.19 -1.23 13.52
N GLU A 104 -29.38 -0.82 13.07
CA GLU A 104 -29.48 0.30 12.15
C GLU A 104 -29.92 1.57 12.85
N ILE A 105 -29.41 2.72 12.43
CA ILE A 105 -29.84 3.96 13.05
C ILE A 105 -30.84 4.70 12.17
N LYS A 106 -32.02 4.98 12.73
CA LYS A 106 -33.00 5.81 12.05
C LYS A 106 -32.52 7.24 11.93
N ARG A 107 -33.12 7.95 10.99
CA ARG A 107 -32.61 9.22 10.57
C ARG A 107 -33.66 9.86 9.70
N THR A 108 -33.75 11.18 9.77
CA THR A 108 -34.52 11.97 8.81
C THR A 108 -34.35 11.46 7.39
N VAL A 109 -35.46 11.32 6.65
CA VAL A 109 -35.41 10.85 5.26
C VAL A 109 -34.48 11.75 4.43
N ALA A 110 -33.72 11.16 3.51
CA ALA A 110 -32.76 11.89 2.69
C ALA A 110 -32.69 11.33 1.27
N ALA A 111 -33.03 12.15 0.29
CA ALA A 111 -33.14 11.65 -1.07
C ALA A 111 -31.76 11.42 -1.71
N PRO A 112 -31.66 10.40 -2.57
CA PRO A 112 -30.42 10.01 -3.24
C PRO A 112 -30.00 11.02 -4.32
N SER A 113 -28.69 11.20 -4.45
CA SER A 113 -28.15 11.99 -5.54
C SER A 113 -27.81 11.04 -6.68
N VAL A 114 -28.55 11.12 -7.78
CA VAL A 114 -28.39 10.14 -8.83
C VAL A 114 -27.35 10.62 -9.84
N PHE A 115 -26.48 9.71 -10.26
CA PHE A 115 -25.48 9.98 -11.28
C PHE A 115 -25.46 8.81 -12.25
N ILE A 116 -25.18 9.07 -13.51
CA ILE A 116 -25.14 8.00 -14.50
C ILE A 116 -23.80 8.06 -15.24
N PHE A 117 -23.28 6.90 -15.62
CA PHE A 117 -21.98 6.83 -16.30
C PHE A 117 -22.03 5.95 -17.55
N PRO A 118 -21.86 6.56 -18.73
CA PRO A 118 -21.75 5.73 -19.93
C PRO A 118 -20.55 4.78 -19.84
N PRO A 119 -20.51 3.73 -20.68
CA PRO A 119 -19.30 2.93 -20.59
C PRO A 119 -18.09 3.64 -21.25
N SER A 120 -16.87 3.35 -20.79
CA SER A 120 -15.68 3.95 -21.41
C SER A 120 -15.28 3.13 -22.62
N ASP A 121 -14.64 3.79 -23.58
CA ASP A 121 -14.20 3.12 -24.82
C ASP A 121 -13.23 1.96 -24.59
N GLU A 122 -12.31 2.12 -23.64
CA GLU A 122 -11.45 1.03 -23.15
C GLU A 122 -12.15 -0.32 -23.10
N GLN A 123 -13.33 -0.31 -22.47
CA GLN A 123 -14.16 -1.49 -22.27
C GLN A 123 -14.89 -1.87 -23.55
N LEU A 124 -15.29 -0.86 -24.31
CA LEU A 124 -16.03 -1.08 -25.55
C LEU A 124 -15.18 -1.82 -26.58
N LYS A 125 -13.87 -1.57 -26.61
CA LYS A 125 -12.98 -2.33 -27.48
C LYS A 125 -13.01 -3.80 -27.10
N SER A 126 -12.93 -4.07 -25.80
CA SER A 126 -12.94 -5.44 -25.29
C SER A 126 -14.33 -6.08 -25.41
N GLY A 127 -15.29 -5.34 -25.98
CA GLY A 127 -16.57 -5.88 -26.41
C GLY A 127 -17.70 -6.03 -25.40
N THR A 128 -17.57 -5.37 -24.24
CA THR A 128 -18.63 -5.43 -23.24
C THR A 128 -19.03 -4.02 -22.82
N ALA A 129 -20.27 -3.84 -22.40
CA ALA A 129 -20.73 -2.49 -22.10
C ALA A 129 -21.35 -2.38 -20.72
N SER A 130 -20.70 -1.62 -19.84
CA SER A 130 -21.22 -1.48 -18.48
C SER A 130 -21.69 -0.09 -18.20
N VAL A 131 -23.01 0.05 -18.13
CA VAL A 131 -23.63 1.29 -17.73
C VAL A 131 -23.95 1.24 -16.25
N VAL A 132 -23.44 2.23 -15.53
CA VAL A 132 -23.55 2.28 -14.08
C VAL A 132 -24.44 3.44 -13.64
N CYS A 133 -25.34 3.16 -12.69
CA CYS A 133 -26.17 4.18 -12.06
C CYS A 133 -25.77 4.30 -10.60
N LEU A 134 -25.66 5.52 -10.10
CA LEU A 134 -25.27 5.75 -8.71
C LEU A 134 -26.36 6.50 -7.95
N LEU A 135 -26.78 5.94 -6.84
CA LEU A 135 -27.64 6.64 -5.90
C LEU A 135 -26.77 7.02 -4.74
N ASN A 136 -26.91 8.23 -4.20
CA ASN A 136 -25.90 8.69 -3.27
C ASN A 136 -26.38 9.24 -1.93
N ASN A 137 -25.91 8.60 -0.86
CA ASN A 137 -26.21 9.02 0.52
C ASN A 137 -27.69 9.17 0.79
N PHE A 138 -28.41 8.07 0.88
CA PHE A 138 -29.86 8.15 1.10
C PHE A 138 -30.32 7.41 2.35
N TYR A 139 -31.56 7.69 2.76
CA TYR A 139 -32.21 7.00 3.87
C TYR A 139 -33.69 7.21 3.73
N PRO A 140 -34.49 6.16 3.91
CA PRO A 140 -34.13 4.79 4.28
C PRO A 140 -33.50 4.01 3.14
N ARG A 141 -33.17 2.75 3.42
CA ARG A 141 -32.46 1.88 2.49
C ARG A 141 -33.27 1.50 1.24
N GLU A 142 -34.58 1.48 1.34
CA GLU A 142 -35.43 1.00 0.24
C GLU A 142 -35.51 1.99 -0.89
N ALA A 143 -34.98 1.57 -2.03
CA ALA A 143 -34.99 2.38 -3.24
C ALA A 143 -35.12 1.49 -4.46
N LYS A 144 -35.97 1.91 -5.40
CA LYS A 144 -36.20 1.15 -6.62
C LYS A 144 -35.37 1.77 -7.72
N VAL A 145 -34.71 0.93 -8.51
CA VAL A 145 -33.92 1.42 -9.64
C VAL A 145 -34.21 0.59 -10.87
N GLN A 146 -34.89 1.17 -11.84
CA GLN A 146 -35.12 0.42 -13.06
C GLN A 146 -34.63 1.14 -14.33
N TRP A 147 -34.01 0.37 -15.24
CA TRP A 147 -33.39 0.91 -16.45
C TRP A 147 -34.36 1.02 -17.62
N LYS A 148 -34.09 1.97 -18.51
CA LYS A 148 -34.95 2.21 -19.65
C LYS A 148 -34.09 2.56 -20.86
N VAL A 149 -33.78 1.58 -21.70
CA VAL A 149 -33.01 1.83 -22.94
C VAL A 149 -33.96 1.94 -24.13
N ASP A 150 -33.98 3.12 -24.77
CA ASP A 150 -34.91 3.43 -25.86
C ASP A 150 -36.35 3.45 -25.32
N ASN A 151 -36.43 3.59 -23.98
CA ASN A 151 -37.66 3.74 -23.19
C ASN A 151 -38.25 2.36 -22.99
N ALA A 152 -37.46 1.34 -23.31
CA ALA A 152 -37.84 -0.04 -23.05
C ALA A 152 -37.18 -0.53 -21.77
N LEU A 153 -37.98 -1.09 -20.86
CA LEU A 153 -37.47 -1.52 -19.54
C LEU A 153 -36.58 -2.77 -19.59
N GLN A 154 -35.31 -2.59 -19.26
CA GLN A 154 -34.36 -3.66 -19.28
C GLN A 154 -34.66 -4.61 -18.13
N SER A 155 -34.60 -5.91 -18.41
CA SER A 155 -35.06 -6.95 -17.50
C SER A 155 -34.05 -8.09 -17.33
N GLY A 156 -33.60 -8.30 -16.10
CA GLY A 156 -32.72 -9.41 -15.80
C GLY A 156 -31.26 -9.19 -16.12
N ASN A 157 -30.94 -8.03 -16.71
CA ASN A 157 -29.56 -7.71 -17.07
C ASN A 157 -28.88 -6.62 -16.21
N SER A 158 -29.49 -6.22 -15.10
CA SER A 158 -28.87 -5.23 -14.21
C SER A 158 -28.37 -5.96 -12.98
N GLN A 159 -27.71 -5.23 -12.08
CA GLN A 159 -27.16 -5.82 -10.85
C GLN A 159 -26.77 -4.78 -9.83
N GLU A 160 -27.49 -4.70 -8.72
CA GLU A 160 -27.20 -3.61 -7.80
C GLU A 160 -26.43 -4.07 -6.60
N SER A 161 -25.95 -3.09 -5.85
CA SER A 161 -25.05 -3.33 -4.72
C SER A 161 -25.10 -2.15 -3.75
N VAL A 162 -25.30 -2.39 -2.46
CA VAL A 162 -25.44 -1.27 -1.53
C VAL A 162 -24.37 -1.32 -0.41
N THR A 163 -23.97 -0.16 0.07
CA THR A 163 -22.98 -0.04 1.13
C THR A 163 -23.52 -0.34 2.52
N GLU A 164 -22.62 -0.63 3.46
CA GLU A 164 -23.03 -0.69 4.86
C GLU A 164 -23.38 0.74 5.25
N GLN A 165 -24.35 0.90 6.15
CA GLN A 165 -24.80 2.24 6.55
C GLN A 165 -23.62 3.05 7.06
N ASP A 166 -23.56 4.31 6.66
CA ASP A 166 -22.43 5.15 7.06
C ASP A 166 -22.52 5.60 8.52
N SER A 167 -21.38 5.64 9.20
CA SER A 167 -21.32 6.01 10.62
C SER A 167 -21.54 7.48 10.85
N LYS A 168 -21.05 8.32 9.94
CA LYS A 168 -21.00 9.75 10.22
C LYS A 168 -22.22 10.49 9.71
N ASP A 169 -23.21 9.76 9.19
CA ASP A 169 -24.46 10.41 8.77
C ASP A 169 -25.67 9.47 8.57
N SER A 170 -25.50 8.20 8.91
CA SER A 170 -26.60 7.23 8.88
C SER A 170 -27.26 7.07 7.50
N THR A 171 -26.47 7.20 6.43
CA THR A 171 -27.02 7.08 5.09
C THR A 171 -26.45 5.91 4.32
N TYR A 172 -27.10 5.59 3.19
CA TYR A 172 -26.71 4.50 2.30
C TYR A 172 -26.27 4.93 0.91
N SER A 173 -25.68 4.02 0.15
CA SER A 173 -25.29 4.33 -1.21
C SER A 173 -25.46 3.06 -2.03
N LEU A 174 -25.91 3.19 -3.28
CA LEU A 174 -26.28 2.02 -4.07
C LEU A 174 -25.77 2.12 -5.47
N SER A 175 -25.30 1.01 -6.04
CA SER A 175 -24.91 1.03 -7.45
C SER A 175 -25.45 -0.16 -8.21
N SER A 176 -26.36 0.13 -9.15
CA SER A 176 -26.78 -0.87 -10.13
C SER A 176 -25.90 -0.71 -11.36
N THR A 177 -25.43 -1.85 -11.86
CA THR A 177 -24.63 -1.84 -13.05
C THR A 177 -25.38 -2.60 -14.15
N LEU A 178 -25.66 -1.92 -15.26
CA LEU A 178 -26.35 -2.57 -16.36
C LEU A 178 -25.31 -3.06 -17.34
N THR A 179 -25.41 -4.31 -17.77
CA THR A 179 -24.46 -4.81 -18.76
C THR A 179 -25.11 -5.29 -20.03
N LEU A 180 -24.42 -5.01 -21.13
CA LEU A 180 -24.82 -5.38 -22.47
C LEU A 180 -23.59 -5.83 -23.22
N SER A 181 -23.78 -6.12 -24.50
CA SER A 181 -22.66 -6.31 -25.40
C SER A 181 -22.43 -5.01 -26.16
N LYS A 182 -21.21 -4.81 -26.64
CA LYS A 182 -20.90 -3.67 -27.50
C LYS A 182 -21.82 -3.72 -28.71
N ALA A 183 -22.06 -4.94 -29.19
CA ALA A 183 -22.97 -5.18 -30.32
C ALA A 183 -24.36 -4.67 -29.97
N ASP A 184 -24.81 -5.01 -28.76
CA ASP A 184 -26.15 -4.70 -28.29
C ASP A 184 -26.28 -3.25 -27.86
N TYR A 185 -25.26 -2.76 -27.18
CA TYR A 185 -25.22 -1.41 -26.64
C TYR A 185 -25.21 -0.34 -27.75
N GLU A 186 -24.41 -0.56 -28.78
CA GLU A 186 -24.32 0.39 -29.90
C GLU A 186 -25.57 0.39 -30.80
N LYS A 187 -26.55 -0.44 -30.46
CA LYS A 187 -27.79 -0.55 -31.25
C LYS A 187 -28.80 0.56 -30.90
N HIS A 188 -28.80 1.04 -29.66
CA HIS A 188 -29.80 2.00 -29.18
C HIS A 188 -29.17 3.36 -28.79
N LYS A 189 -29.97 4.40 -28.62
CA LYS A 189 -29.43 5.76 -28.45
C LYS A 189 -29.37 6.30 -27.00
N VAL A 190 -30.54 6.41 -26.35
CA VAL A 190 -30.63 7.03 -25.02
C VAL A 190 -30.73 6.03 -23.85
N TYR A 191 -29.74 6.13 -22.94
CA TYR A 191 -29.68 5.25 -21.76
C TYR A 191 -29.99 6.03 -20.49
N ALA A 192 -30.97 5.56 -19.74
CA ALA A 192 -31.44 6.25 -18.55
C ALA A 192 -31.89 5.32 -17.45
N CYS A 193 -31.41 5.60 -16.24
CA CYS A 193 -31.86 4.88 -15.08
C CYS A 193 -32.89 5.73 -14.36
N GLU A 194 -33.91 5.07 -13.85
CA GLU A 194 -35.02 5.75 -13.25
C GLU A 194 -35.08 5.36 -11.79
N VAL A 195 -35.08 6.36 -10.93
CA VAL A 195 -34.92 6.10 -9.52
C VAL A 195 -36.12 6.57 -8.68
N THR A 196 -36.89 5.63 -8.13
CA THR A 196 -37.94 6.02 -7.19
C THR A 196 -37.42 5.70 -5.74
N HIS A 197 -37.80 6.54 -4.77
CA HIS A 197 -37.32 6.46 -3.39
C HIS A 197 -38.20 7.35 -2.54
N GLN A 198 -38.36 7.06 -1.27
CA GLN A 198 -39.33 7.75 -0.42
C GLN A 198 -39.04 9.25 -0.24
N GLY A 199 -37.77 9.63 -0.38
CA GLY A 199 -37.34 11.00 -0.15
C GLY A 199 -37.55 12.00 -1.28
N LEU A 200 -37.76 11.50 -2.49
CA LEU A 200 -38.05 12.36 -3.62
C LEU A 200 -39.46 12.08 -4.12
N SER A 201 -40.16 13.15 -4.52
CA SER A 201 -41.58 13.14 -4.85
C SER A 201 -41.96 12.42 -6.15
N SER A 202 -41.33 12.85 -7.24
CA SER A 202 -41.45 12.11 -8.49
C SER A 202 -40.21 11.22 -8.59
N PRO A 203 -40.35 10.01 -9.17
CA PRO A 203 -39.13 9.30 -9.55
C PRO A 203 -38.16 10.18 -10.36
N VAL A 204 -36.88 10.18 -9.99
CA VAL A 204 -35.84 10.94 -10.69
C VAL A 204 -35.28 10.17 -11.89
N THR A 205 -35.01 10.87 -12.99
CA THR A 205 -34.40 10.20 -14.13
C THR A 205 -33.09 10.88 -14.51
N LYS A 206 -32.04 10.07 -14.58
CA LYS A 206 -30.79 10.56 -15.08
C LYS A 206 -30.53 9.88 -16.41
N SER A 207 -30.39 10.67 -17.47
CA SER A 207 -30.28 10.08 -18.79
C SER A 207 -29.00 10.53 -19.48
N PHE A 208 -28.64 9.83 -20.56
CA PHE A 208 -27.53 10.24 -21.44
C PHE A 208 -27.74 9.73 -22.87
N ASN A 209 -27.06 10.39 -23.82
CA ASN A 209 -27.06 10.04 -25.25
C ASN A 209 -25.71 9.43 -25.65
N ARG A 210 -25.74 8.46 -26.57
CA ARG A 210 -24.51 7.77 -26.97
C ARG A 210 -23.76 8.46 -28.12
N VAL B 2 1.00 -3.53 21.49
CA VAL B 2 0.29 -4.80 21.15
C VAL B 2 -0.37 -4.80 19.76
N GLN B 3 0.18 -5.63 18.86
CA GLN B 3 -0.38 -5.79 17.52
C GLN B 3 -0.47 -7.27 17.19
N LEU B 4 -1.42 -7.62 16.32
CA LEU B 4 -1.56 -8.98 15.79
C LEU B 4 -1.70 -8.90 14.27
N LEU B 5 -0.74 -9.49 13.57
CA LEU B 5 -0.68 -9.39 12.11
C LEU B 5 -0.84 -10.74 11.45
N GLU B 6 -2.00 -10.97 10.82
CA GLU B 6 -2.26 -12.24 10.17
C GLU B 6 -1.70 -12.24 8.77
N THR B 7 -1.45 -13.45 8.27
CA THR B 7 -0.92 -13.58 6.94
C THR B 7 -1.03 -15.01 6.46
N GLY B 8 -0.87 -15.23 5.17
CA GLY B 8 -0.72 -16.58 4.68
C GLY B 8 -1.95 -17.09 4.00
N GLY B 9 -2.98 -16.25 3.98
CA GLY B 9 -4.24 -16.64 3.36
C GLY B 9 -4.21 -16.40 1.88
N GLY B 10 -5.30 -16.80 1.25
CA GLY B 10 -5.50 -16.59 -0.16
C GLY B 10 -6.25 -17.74 -0.77
N LEU B 11 -6.30 -17.77 -2.10
CA LEU B 11 -6.95 -18.85 -2.82
C LEU B 11 -6.21 -20.18 -2.68
N VAL B 12 -6.97 -21.23 -2.38
CA VAL B 12 -6.46 -22.58 -2.34
C VAL B 12 -7.56 -23.50 -2.90
N LYS B 13 -7.15 -24.55 -3.61
CA LYS B 13 -8.13 -25.47 -4.19
C LYS B 13 -8.68 -26.40 -3.13
N PRO B 14 -9.94 -26.86 -3.29
CA PRO B 14 -10.47 -27.81 -2.31
C PRO B 14 -9.62 -29.09 -2.29
N GLY B 15 -9.40 -29.62 -1.08
CA GLY B 15 -8.44 -30.67 -0.85
C GLY B 15 -7.10 -30.12 -0.39
N GLY B 16 -6.77 -28.89 -0.81
CA GLY B 16 -5.48 -28.26 -0.54
C GLY B 16 -5.10 -27.89 0.90
N SER B 17 -4.07 -27.05 1.03
CA SER B 17 -3.44 -26.75 2.31
C SER B 17 -3.17 -25.27 2.50
N LEU B 18 -2.81 -24.88 3.72
CA LEU B 18 -2.43 -23.50 3.98
C LEU B 18 -1.84 -23.37 5.35
N ARG B 19 -0.78 -22.57 5.49
CA ARG B 19 -0.28 -22.32 6.81
C ARG B 19 -0.39 -20.81 7.01
N LEU B 20 -1.45 -20.41 7.72
CA LEU B 20 -1.63 -19.03 8.12
C LEU B 20 -0.67 -18.75 9.26
N SER B 21 -0.19 -17.52 9.36
CA SER B 21 0.77 -17.17 10.41
C SER B 21 0.38 -15.85 11.06
N CYS B 22 0.60 -15.77 12.36
CA CYS B 22 0.32 -14.55 13.09
C CYS B 22 1.55 -14.06 13.85
N ALA B 23 2.07 -12.90 13.46
CA ALA B 23 3.22 -12.32 14.13
C ALA B 23 2.72 -11.44 15.26
N ALA B 24 3.13 -11.74 16.47
CA ALA B 24 2.66 -11.03 17.64
C ALA B 24 3.73 -10.10 18.19
N SER B 25 3.31 -8.98 18.78
CA SER B 25 4.25 -8.10 19.45
C SER B 25 3.58 -7.35 20.60
N GLY B 26 4.36 -6.78 21.49
CA GLY B 26 3.80 -6.08 22.65
C GLY B 26 3.44 -7.00 23.81
N PHE B 27 3.63 -8.31 23.60
CA PHE B 27 3.39 -9.33 24.61
C PHE B 27 4.05 -10.58 24.09
N SER B 28 3.98 -11.68 24.83
CA SER B 28 4.62 -12.90 24.36
C SER B 28 3.66 -14.09 24.35
N LEU B 29 3.51 -14.79 23.23
CA LEU B 29 2.60 -15.95 23.22
C LEU B 29 3.11 -16.95 24.21
N SER B 30 2.33 -18.01 24.44
CA SER B 30 2.70 -19.00 25.45
C SER B 30 2.61 -18.41 26.89
N ASP B 31 2.28 -17.12 27.01
CA ASP B 31 1.86 -16.62 28.31
C ASP B 31 0.35 -16.59 28.31
N TYR B 32 -0.20 -16.44 27.11
CA TYR B 32 -1.62 -16.30 26.93
C TYR B 32 -2.19 -17.49 26.19
N TYR B 33 -3.50 -17.65 26.32
CA TYR B 33 -4.23 -18.56 25.46
C TYR B 33 -4.32 -17.87 24.11
N MET B 34 -3.94 -18.55 23.04
CA MET B 34 -4.07 -17.97 21.72
C MET B 34 -5.17 -18.71 21.00
N ASN B 35 -5.89 -18.03 20.14
CA ASN B 35 -7.04 -18.66 19.55
C ASN B 35 -7.09 -18.31 18.09
N TRP B 36 -7.88 -19.07 17.35
CA TRP B 36 -8.24 -18.72 15.99
C TRP B 36 -9.74 -18.66 15.87
N ILE B 37 -10.24 -17.57 15.29
CA ILE B 37 -11.67 -17.38 15.07
C ILE B 37 -11.90 -17.13 13.59
N ARG B 38 -12.94 -17.74 13.01
CA ARG B 38 -13.23 -17.51 11.59
C ARG B 38 -14.58 -16.87 11.36
N GLN B 39 -14.75 -16.30 10.18
CA GLN B 39 -16.00 -15.65 9.79
C GLN B 39 -16.24 -15.75 8.29
N ALA B 40 -17.21 -16.58 7.89
CA ALA B 40 -17.53 -16.75 6.48
C ALA B 40 -17.99 -15.40 5.90
N PRO B 41 -17.94 -15.24 4.57
CA PRO B 41 -18.35 -13.90 4.12
C PRO B 41 -19.84 -13.69 4.38
N GLY B 42 -20.16 -12.54 5.00
CA GLY B 42 -21.53 -12.15 5.34
C GLY B 42 -22.20 -12.92 6.47
N LYS B 43 -21.50 -13.91 7.01
CA LYS B 43 -22.01 -14.75 8.07
C LYS B 43 -21.43 -14.33 9.43
N GLY B 44 -21.78 -15.07 10.49
CA GLY B 44 -21.30 -14.79 11.86
C GLY B 44 -20.04 -15.52 12.27
N LEU B 45 -19.62 -15.33 13.53
CA LEU B 45 -18.34 -15.84 14.04
C LEU B 45 -18.35 -17.30 14.54
N GLU B 46 -17.23 -18.00 14.35
CA GLU B 46 -17.05 -19.42 14.73
C GLU B 46 -15.64 -19.64 15.30
N TRP B 47 -15.54 -20.15 16.54
CA TRP B 47 -14.23 -20.44 17.11
C TRP B 47 -13.64 -21.73 16.50
N VAL B 48 -12.33 -21.74 16.15
CA VAL B 48 -11.80 -22.92 15.50
C VAL B 48 -10.73 -23.68 16.30
N ALA B 49 -9.95 -23.00 17.13
CA ALA B 49 -8.94 -23.71 17.93
C ALA B 49 -8.32 -22.82 18.95
N TYR B 50 -7.86 -23.40 20.05
CA TYR B 50 -6.98 -22.69 20.96
C TYR B 50 -5.72 -23.54 21.15
N ILE B 51 -4.64 -22.85 21.47
CA ILE B 51 -3.44 -23.45 22.01
C ILE B 51 -3.34 -22.79 23.36
N SER B 52 -3.37 -23.62 24.40
CA SER B 52 -3.43 -23.16 25.79
C SER B 52 -2.24 -22.26 26.09
N SER B 53 -2.14 -21.79 27.34
CA SER B 53 -1.13 -20.81 27.71
C SER B 53 0.18 -21.53 27.95
N SER B 54 1.01 -21.02 28.85
CA SER B 54 2.23 -21.77 29.16
C SER B 54 1.90 -23.29 29.25
N SER B 55 2.52 -24.04 28.32
CA SER B 55 2.49 -25.51 28.18
C SER B 55 1.76 -26.02 26.92
N GLY B 56 1.08 -25.15 26.21
CA GLY B 56 0.58 -25.43 24.86
C GLY B 56 -0.41 -26.53 24.48
N TYR B 57 -1.39 -26.80 25.33
CA TYR B 57 -2.41 -27.78 25.00
C TYR B 57 -3.44 -27.25 24.05
N THR B 58 -3.85 -28.05 23.08
CA THR B 58 -4.70 -27.54 22.03
C THR B 58 -6.09 -28.10 22.13
N ASN B 59 -6.98 -27.62 21.27
CA ASN B 59 -8.31 -28.18 21.16
C ASN B 59 -9.01 -27.46 20.01
N TYR B 60 -10.05 -28.06 19.43
CA TYR B 60 -10.56 -27.55 18.16
C TYR B 60 -12.09 -27.53 18.06
N GLY B 61 -12.61 -26.97 16.97
CA GLY B 61 -14.04 -27.01 16.70
C GLY B 61 -14.43 -28.33 16.03
N ASP B 62 -15.69 -28.73 16.17
CA ASP B 62 -16.12 -30.03 15.66
C ASP B 62 -15.94 -30.10 14.16
N SER B 63 -16.21 -28.98 13.50
CA SER B 63 -16.20 -28.94 12.05
C SER B 63 -14.80 -28.98 11.43
N VAL B 64 -13.79 -28.73 12.26
CA VAL B 64 -12.42 -28.67 11.76
C VAL B 64 -11.45 -29.65 12.42
N LYS B 65 -11.96 -30.51 13.30
CA LYS B 65 -11.10 -31.41 14.09
C LYS B 65 -10.34 -32.44 13.22
N GLY B 66 -9.05 -32.58 13.48
CA GLY B 66 -8.21 -33.55 12.79
C GLY B 66 -7.63 -33.06 11.46
N ARG B 67 -8.22 -31.99 10.94
CA ARG B 67 -7.75 -31.39 9.69
C ARG B 67 -6.88 -30.17 9.97
N PHE B 68 -7.35 -29.31 10.88
CA PHE B 68 -6.62 -28.10 11.24
C PHE B 68 -5.68 -28.42 12.38
N THR B 69 -4.62 -27.63 12.53
CA THR B 69 -3.61 -27.89 13.56
C THR B 69 -2.93 -26.64 14.06
N ILE B 70 -3.20 -26.25 15.30
CA ILE B 70 -2.70 -24.98 15.79
C ILE B 70 -1.34 -25.10 16.53
N SER B 71 -0.34 -24.36 16.07
CA SER B 71 1.03 -24.54 16.51
C SER B 71 1.57 -23.21 16.97
N ARG B 72 2.84 -23.17 17.35
CA ARG B 72 3.38 -21.95 17.90
C ARG B 72 4.92 -22.01 18.05
N ASP B 73 5.55 -20.85 18.13
CA ASP B 73 7.01 -20.81 18.19
C ASP B 73 7.47 -19.76 19.20
N HIS B 74 8.24 -20.17 20.22
CA HIS B 74 8.55 -19.26 21.34
C HIS B 74 9.42 -18.07 20.89
N ALA B 75 10.44 -18.34 20.07
CA ALA B 75 11.15 -17.28 19.37
C ALA B 75 10.35 -16.98 18.12
N LYS B 76 10.62 -15.87 17.46
CA LYS B 76 9.76 -15.38 16.36
C LYS B 76 8.31 -15.03 16.81
N ASN B 77 7.97 -15.27 18.08
CA ASN B 77 6.65 -14.99 18.64
C ASN B 77 5.52 -15.17 17.66
N SER B 78 5.36 -16.36 17.09
CA SER B 78 4.39 -16.51 16.00
C SER B 78 3.44 -17.65 16.26
N LEU B 79 2.29 -17.59 15.60
CA LEU B 79 1.21 -18.55 15.79
C LEU B 79 0.75 -19.10 14.45
N TYR B 80 0.52 -20.41 14.42
CA TYR B 80 0.21 -21.06 13.18
C TYR B 80 -1.12 -21.77 13.22
N LEU B 81 -1.74 -21.84 12.05
CA LEU B 81 -2.89 -22.66 11.86
C LEU B 81 -2.67 -23.40 10.56
N GLN B 82 -2.50 -24.71 10.63
CA GLN B 82 -2.22 -25.50 9.46
C GLN B 82 -3.52 -26.12 8.98
N MET B 83 -4.05 -25.68 7.85
CA MET B 83 -5.35 -26.15 7.43
C MET B 83 -5.27 -27.12 6.27
N ASN B 84 -5.51 -28.40 6.54
CA ASN B 84 -5.46 -29.42 5.50
C ASN B 84 -6.84 -29.98 5.15
N SER B 85 -6.89 -30.65 4.01
CA SER B 85 -8.12 -31.19 3.43
C SER B 85 -9.23 -30.14 3.48
N LEU B 86 -8.91 -28.96 2.94
CA LEU B 86 -9.75 -27.78 3.06
C LEU B 86 -11.03 -27.88 2.25
N ARG B 87 -12.14 -27.41 2.81
CA ARG B 87 -13.44 -27.53 2.17
C ARG B 87 -13.96 -26.20 1.67
N VAL B 88 -14.84 -26.26 0.68
CA VAL B 88 -15.58 -25.09 0.22
C VAL B 88 -16.10 -24.29 1.40
N GLU B 89 -16.66 -25.01 2.38
CA GLU B 89 -17.27 -24.45 3.58
C GLU B 89 -16.25 -23.80 4.54
N ASP B 90 -14.97 -24.04 4.29
CA ASP B 90 -13.91 -23.45 5.12
C ASP B 90 -13.55 -22.02 4.71
N THR B 91 -14.24 -21.53 3.69
CA THR B 91 -14.01 -20.19 3.18
C THR B 91 -14.45 -19.15 4.20
N ALA B 92 -13.47 -18.37 4.69
CA ALA B 92 -13.72 -17.36 5.70
C ALA B 92 -12.51 -16.46 5.88
N VAL B 93 -12.74 -15.39 6.63
CA VAL B 93 -11.68 -14.56 7.16
C VAL B 93 -11.24 -15.17 8.49
N TYR B 94 -9.94 -15.45 8.62
CA TYR B 94 -9.40 -16.08 9.81
C TYR B 94 -8.70 -15.07 10.72
N TYR B 95 -9.25 -14.92 11.92
CA TYR B 95 -8.73 -13.98 12.89
C TYR B 95 -7.83 -14.65 13.90
N CYS B 96 -6.69 -14.05 14.13
CA CYS B 96 -5.77 -14.54 15.17
C CYS B 96 -6.04 -13.73 16.43
N VAL B 97 -6.44 -14.41 17.50
CA VAL B 97 -6.96 -13.74 18.67
C VAL B 97 -6.23 -14.16 19.97
N ARG B 98 -6.04 -13.23 20.91
CA ARG B 98 -5.33 -13.62 22.14
C ARG B 98 -6.19 -13.44 23.41
N ASP B 99 -5.93 -14.25 24.44
CA ASP B 99 -6.65 -14.24 25.71
C ASP B 99 -6.49 -12.89 26.37
N ARG B 100 -7.50 -12.41 27.10
CA ARG B 100 -7.47 -11.05 27.62
C ARG B 100 -6.43 -10.84 28.71
N ASP B 101 -5.90 -11.93 29.25
CA ASP B 101 -5.07 -11.87 30.44
C ASP B 101 -4.13 -13.08 30.51
N ASP B 102 -3.06 -12.99 31.32
CA ASP B 102 -2.17 -14.12 31.65
C ASP B 102 -2.89 -15.38 32.03
N PHE B 103 -3.79 -15.20 32.99
CA PHE B 103 -4.68 -16.24 33.46
C PHE B 103 -5.81 -16.49 32.49
N TRP B 104 -6.47 -17.62 32.67
CA TRP B 104 -7.51 -18.05 31.74
C TRP B 104 -8.63 -17.06 31.77
N SER B 105 -9.05 -16.65 30.58
CA SER B 105 -9.98 -15.55 30.41
C SER B 105 -11.22 -15.97 29.63
N GLY B 106 -11.04 -16.35 28.37
CA GLY B 106 -12.16 -16.83 27.59
C GLY B 106 -12.56 -15.88 26.48
N TYR B 107 -12.50 -14.59 26.78
CA TYR B 107 -12.83 -13.54 25.83
C TYR B 107 -11.60 -12.80 25.33
N TYR B 108 -11.78 -11.89 24.38
CA TYR B 108 -10.65 -11.27 23.71
C TYR B 108 -10.80 -9.80 23.39
N LYS B 109 -9.85 -9.00 23.85
CA LYS B 109 -9.83 -7.58 23.48
C LYS B 109 -9.11 -7.43 22.15
N HIS B 110 -8.05 -8.22 21.99
CA HIS B 110 -7.10 -8.06 20.91
C HIS B 110 -7.38 -8.99 19.76
N TRP B 111 -7.81 -8.45 18.63
CA TRP B 111 -7.98 -9.25 17.43
C TRP B 111 -6.99 -8.76 16.43
N GLY B 112 -6.66 -9.60 15.44
CA GLY B 112 -5.81 -9.16 14.35
C GLY B 112 -6.72 -8.58 13.28
N LEU B 113 -6.16 -8.00 12.22
CA LEU B 113 -7.02 -7.47 11.15
C LEU B 113 -7.73 -8.59 10.39
N GLY B 114 -7.12 -9.78 10.39
CA GLY B 114 -7.68 -10.95 9.73
C GLY B 114 -6.96 -11.31 8.45
N THR B 115 -7.29 -12.46 7.88
CA THR B 115 -6.76 -12.85 6.57
C THR B 115 -7.79 -13.73 5.85
N LEU B 116 -8.04 -13.46 4.56
CA LEU B 116 -9.11 -14.17 3.86
C LEU B 116 -8.62 -15.46 3.25
N VAL B 117 -9.40 -16.52 3.40
CA VAL B 117 -9.06 -17.80 2.79
C VAL B 117 -10.22 -18.29 1.94
N THR B 118 -10.05 -18.18 0.63
CA THR B 118 -11.03 -18.68 -0.34
C THR B 118 -10.72 -20.13 -0.72
N VAL B 119 -11.77 -20.96 -0.83
CA VAL B 119 -11.59 -22.36 -1.22
C VAL B 119 -12.55 -22.72 -2.34
N SER B 120 -11.99 -22.91 -3.53
CA SER B 120 -12.76 -23.32 -4.71
C SER B 120 -11.87 -23.76 -5.84
N SER B 121 -12.50 -24.39 -6.83
CA SER B 121 -11.81 -24.71 -8.07
C SER B 121 -11.30 -23.41 -8.69
N ALA B 122 -12.19 -22.74 -9.43
CA ALA B 122 -11.96 -21.38 -9.93
C ALA B 122 -10.57 -21.20 -10.53
N SER B 123 -10.05 -19.99 -10.38
CA SER B 123 -8.72 -19.59 -10.88
C SER B 123 -8.53 -18.10 -10.73
N THR B 124 -7.30 -17.70 -10.46
CA THR B 124 -6.99 -16.32 -10.20
C THR B 124 -7.18 -15.57 -11.52
N LYS B 125 -7.37 -14.27 -11.43
CA LYS B 125 -7.72 -13.47 -12.60
C LYS B 125 -7.70 -12.01 -12.26
N GLY B 126 -6.68 -11.31 -12.75
CA GLY B 126 -6.59 -9.87 -12.54
C GLY B 126 -7.76 -9.08 -13.14
N PRO B 127 -8.15 -7.99 -12.46
CA PRO B 127 -9.30 -7.17 -12.87
C PRO B 127 -8.97 -6.15 -13.95
N SER B 128 -9.92 -5.86 -14.84
CA SER B 128 -9.78 -4.74 -15.76
C SER B 128 -10.34 -3.53 -15.03
N VAL B 129 -9.69 -2.38 -15.15
CA VAL B 129 -10.07 -1.20 -14.35
C VAL B 129 -10.45 0.00 -15.20
N PHE B 130 -11.73 0.19 -15.45
CA PHE B 130 -12.19 1.29 -16.30
C PHE B 130 -12.60 2.52 -15.48
N PRO B 131 -12.57 3.71 -16.13
CA PRO B 131 -12.98 4.91 -15.40
C PRO B 131 -14.48 5.17 -15.53
N LEU B 132 -15.07 5.68 -14.45
CA LEU B 132 -16.43 6.20 -14.53
C LEU B 132 -16.35 7.73 -14.49
N ALA B 133 -16.14 8.32 -15.67
CA ALA B 133 -15.87 9.75 -15.79
C ALA B 133 -17.16 10.54 -15.59
N PRO B 134 -17.04 11.76 -15.03
CA PRO B 134 -18.24 12.57 -14.72
C PRO B 134 -18.98 13.09 -15.98
N SER B 135 -19.53 14.30 -15.92
CA SER B 135 -20.16 14.91 -17.10
C SER B 135 -19.81 16.38 -17.20
N SER B 136 -19.79 16.93 -18.41
CA SER B 136 -19.65 18.38 -18.55
C SER B 136 -20.91 18.98 -17.93
N LYS B 137 -21.98 18.18 -17.95
CA LYS B 137 -23.27 18.55 -17.35
C LYS B 137 -23.25 18.88 -15.86
N SER B 138 -22.14 18.54 -15.18
CA SER B 138 -21.96 18.69 -13.72
C SER B 138 -22.54 19.99 -13.12
N THR B 139 -23.16 19.87 -11.94
CA THR B 139 -23.68 21.03 -11.19
C THR B 139 -22.60 22.11 -11.05
N SER B 140 -22.58 23.06 -11.99
CA SER B 140 -21.66 24.20 -11.96
C SER B 140 -21.85 25.04 -10.68
N GLY B 141 -20.96 24.85 -9.71
CA GLY B 141 -21.17 25.36 -8.36
C GLY B 141 -22.00 24.37 -7.56
N GLY B 142 -21.51 23.13 -7.47
CA GLY B 142 -22.20 22.03 -6.82
C GLY B 142 -21.36 20.77 -6.90
N THR B 143 -21.92 19.63 -6.47
CA THR B 143 -21.17 18.38 -6.40
C THR B 143 -21.16 17.57 -7.72
N ALA B 144 -20.00 17.02 -8.05
CA ALA B 144 -19.84 16.11 -9.18
C ALA B 144 -19.40 14.73 -8.69
N ALA B 145 -19.52 13.69 -9.51
CA ALA B 145 -19.10 12.39 -9.02
C ALA B 145 -18.44 11.57 -10.11
N LEU B 146 -17.38 10.86 -9.72
CA LEU B 146 -16.59 10.07 -10.66
C LEU B 146 -16.15 8.78 -10.00
N GLY B 147 -15.48 7.91 -10.74
CA GLY B 147 -15.03 6.69 -10.10
C GLY B 147 -14.39 5.60 -10.94
N CYS B 148 -14.04 4.50 -10.25
CA CYS B 148 -13.49 3.31 -10.87
C CYS B 148 -14.57 2.27 -11.04
N LEU B 149 -14.47 1.49 -12.11
CA LEU B 149 -15.23 0.26 -12.20
C LEU B 149 -14.20 -0.87 -12.31
N VAL B 150 -14.17 -1.76 -11.34
CA VAL B 150 -13.19 -2.83 -11.32
C VAL B 150 -13.88 -4.13 -11.74
N LYS B 151 -13.84 -4.48 -13.02
CA LYS B 151 -14.67 -5.58 -13.53
C LYS B 151 -13.89 -6.86 -13.80
N ASP B 152 -14.56 -8.00 -13.59
CA ASP B 152 -14.06 -9.35 -13.92
C ASP B 152 -12.77 -9.78 -13.19
N TYR B 153 -12.88 -10.21 -11.93
CA TYR B 153 -11.72 -10.72 -11.20
C TYR B 153 -12.03 -11.84 -10.20
N PHE B 154 -10.98 -12.55 -9.78
CA PHE B 154 -11.13 -13.62 -8.79
C PHE B 154 -9.78 -13.94 -8.20
N PRO B 155 -9.72 -14.15 -6.86
CA PRO B 155 -10.79 -14.05 -5.86
C PRO B 155 -10.98 -12.67 -5.28
N GLU B 156 -11.80 -12.59 -4.24
CA GLU B 156 -11.72 -11.47 -3.31
C GLU B 156 -10.38 -11.57 -2.59
N PRO B 157 -9.85 -10.46 -2.06
CA PRO B 157 -10.31 -9.07 -2.00
C PRO B 157 -9.63 -8.15 -3.00
N VAL B 158 -10.25 -6.99 -3.24
CA VAL B 158 -9.64 -5.90 -4.00
C VAL B 158 -9.65 -4.65 -3.11
N THR B 159 -8.52 -3.96 -3.03
CA THR B 159 -8.54 -2.69 -2.31
C THR B 159 -8.38 -1.52 -3.30
N VAL B 160 -9.30 -0.58 -3.18
CA VAL B 160 -9.35 0.61 -4.03
C VAL B 160 -9.17 1.83 -3.14
N SER B 161 -8.17 2.63 -3.46
CA SER B 161 -7.91 3.85 -2.71
CA SER B 161 -7.87 3.84 -2.72
C SER B 161 -7.88 5.03 -3.66
N TRP B 162 -8.17 6.22 -3.16
CA TRP B 162 -8.13 7.39 -4.02
C TRP B 162 -6.98 8.33 -3.66
N ASN B 163 -6.19 8.71 -4.67
CA ASN B 163 -5.03 9.60 -4.52
C ASN B 163 -4.07 9.16 -3.44
N SER B 164 -3.67 7.90 -3.46
CA SER B 164 -2.80 7.28 -2.44
C SER B 164 -3.37 7.39 -1.01
N GLY B 165 -4.69 7.41 -0.88
CA GLY B 165 -5.31 7.39 0.43
C GLY B 165 -5.47 8.77 1.00
N ALA B 166 -4.93 9.76 0.30
CA ALA B 166 -4.93 11.15 0.77
C ALA B 166 -6.32 11.76 0.63
N LEU B 167 -7.18 11.08 -0.13
CA LEU B 167 -8.59 11.43 -0.31
C LEU B 167 -9.52 10.36 0.25
N THR B 168 -10.10 10.64 1.41
CA THR B 168 -11.01 9.68 2.05
C THR B 168 -12.41 10.21 2.08
N SER B 169 -12.49 11.53 2.23
CA SER B 169 -13.77 12.14 2.46
C SER B 169 -14.59 12.18 1.14
N GLY B 170 -15.78 11.59 1.19
CA GLY B 170 -16.64 11.51 0.02
C GLY B 170 -16.60 10.19 -0.73
N VAL B 171 -15.64 9.32 -0.39
CA VAL B 171 -15.47 8.03 -1.06
C VAL B 171 -16.48 6.97 -0.62
N HIS B 172 -17.00 6.24 -1.62
CA HIS B 172 -17.76 5.02 -1.37
C HIS B 172 -17.20 3.89 -2.19
N THR B 173 -16.77 2.80 -1.54
CA THR B 173 -16.37 1.61 -2.28
C THR B 173 -17.41 0.56 -2.02
N PHE B 174 -18.03 0.09 -3.08
CA PHE B 174 -19.18 -0.78 -2.94
C PHE B 174 -18.73 -2.20 -2.74
N PRO B 175 -19.56 -2.98 -2.04
CA PRO B 175 -19.40 -4.44 -1.95
C PRO B 175 -19.19 -5.02 -3.32
N ALA B 176 -18.38 -6.06 -3.40
CA ALA B 176 -18.25 -6.77 -4.66
C ALA B 176 -19.58 -7.47 -4.98
N VAL B 177 -19.89 -7.60 -6.25
CA VAL B 177 -20.99 -8.48 -6.62
C VAL B 177 -20.35 -9.65 -7.39
N LEU B 178 -21.05 -10.77 -7.41
CA LEU B 178 -20.60 -11.93 -8.15
C LEU B 178 -21.42 -12.06 -9.41
N GLN B 179 -20.80 -11.78 -10.55
CA GLN B 179 -21.51 -11.82 -11.83
C GLN B 179 -21.79 -13.26 -12.27
N SER B 180 -22.63 -13.41 -13.28
CA SER B 180 -23.06 -14.72 -13.76
C SER B 180 -21.91 -15.54 -14.35
N SER B 181 -20.86 -14.83 -14.76
CA SER B 181 -19.66 -15.47 -15.29
C SER B 181 -19.02 -16.36 -14.23
N GLY B 182 -19.08 -15.88 -12.99
CA GLY B 182 -18.38 -16.50 -11.87
C GLY B 182 -17.26 -15.62 -11.33
N LEU B 183 -17.14 -14.40 -11.85
CA LEU B 183 -16.13 -13.45 -11.37
C LEU B 183 -16.72 -12.26 -10.59
N TYR B 184 -15.86 -11.58 -9.83
CA TYR B 184 -16.30 -10.44 -9.05
C TYR B 184 -16.16 -9.14 -9.82
N SER B 185 -16.96 -8.16 -9.43
CA SER B 185 -16.92 -6.82 -9.98
C SER B 185 -17.37 -5.82 -8.94
N LEU B 186 -16.58 -4.78 -8.75
CA LEU B 186 -16.96 -3.76 -7.79
C LEU B 186 -16.65 -2.40 -8.35
N SER B 187 -17.21 -1.38 -7.73
CA SER B 187 -16.97 -0.01 -8.14
CA SER B 187 -16.97 0.01 -8.13
C SER B 187 -16.65 0.88 -6.93
N SER B 188 -15.98 2.00 -7.19
CA SER B 188 -15.64 2.94 -6.13
C SER B 188 -15.92 4.34 -6.66
N VAL B 189 -16.71 5.11 -5.92
CA VAL B 189 -17.09 6.44 -6.36
C VAL B 189 -16.63 7.49 -5.37
N VAL B 190 -16.67 8.74 -5.79
CA VAL B 190 -16.30 9.83 -4.92
C VAL B 190 -16.93 11.14 -5.41
N THR B 191 -17.46 11.90 -4.45
CA THR B 191 -18.00 13.21 -4.69
C THR B 191 -16.90 14.24 -4.47
N VAL B 192 -16.88 15.26 -5.32
CA VAL B 192 -15.88 16.33 -5.26
C VAL B 192 -16.53 17.66 -5.53
N PRO B 193 -15.98 18.74 -4.97
CA PRO B 193 -16.46 20.04 -5.50
C PRO B 193 -16.16 20.11 -7.00
N SER B 194 -17.11 20.55 -7.81
CA SER B 194 -16.90 20.54 -9.26
C SER B 194 -16.09 21.76 -9.73
N SER B 195 -15.81 22.69 -8.81
CA SER B 195 -14.83 23.75 -9.06
C SER B 195 -13.48 23.08 -9.31
N SER B 196 -13.26 22.00 -8.58
CA SER B 196 -11.96 21.33 -8.56
C SER B 196 -11.79 20.22 -9.60
N LEU B 197 -12.73 20.11 -10.53
CA LEU B 197 -12.60 19.11 -11.59
C LEU B 197 -11.41 19.40 -12.50
N GLY B 198 -11.41 20.58 -13.11
CA GLY B 198 -10.39 20.93 -14.07
C GLY B 198 -9.07 21.25 -13.41
N THR B 199 -9.05 21.22 -12.08
CA THR B 199 -7.88 21.68 -11.35
C THR B 199 -7.20 20.62 -10.49
N GLN B 200 -7.88 19.51 -10.22
CA GLN B 200 -7.25 18.46 -9.40
C GLN B 200 -7.22 17.14 -10.13
N THR B 201 -6.20 16.35 -9.80
CA THR B 201 -6.04 15.05 -10.39
C THR B 201 -6.65 14.05 -9.43
N TYR B 202 -7.65 13.32 -9.92
CA TYR B 202 -8.26 12.27 -9.14
C TYR B 202 -7.81 10.94 -9.74
N ILE B 203 -7.04 10.18 -8.97
CA ILE B 203 -6.53 8.91 -9.46
C ILE B 203 -6.88 7.81 -8.47
N CYS B 204 -7.46 6.72 -9.00
CA CYS B 204 -7.84 5.59 -8.16
C CYS B 204 -6.78 4.51 -8.17
N ASN B 205 -6.35 4.12 -6.98
CA ASN B 205 -5.34 3.07 -6.84
C ASN B 205 -6.01 1.75 -6.56
N VAL B 206 -6.05 0.89 -7.56
CA VAL B 206 -6.70 -0.41 -7.43
C VAL B 206 -5.68 -1.50 -7.13
N ASN B 207 -6.05 -2.43 -6.28
CA ASN B 207 -5.11 -3.45 -5.82
C ASN B 207 -5.71 -4.86 -5.67
N HIS B 208 -5.15 -5.81 -6.41
CA HIS B 208 -5.57 -7.20 -6.31
C HIS B 208 -4.38 -8.08 -5.97
N LYS B 209 -3.96 -8.03 -4.70
CA LYS B 209 -2.85 -8.83 -4.19
C LYS B 209 -2.92 -10.32 -4.60
N PRO B 210 -4.12 -10.94 -4.60
CA PRO B 210 -4.16 -12.35 -5.04
C PRO B 210 -3.67 -12.62 -6.47
N SER B 211 -3.55 -11.61 -7.32
CA SER B 211 -3.02 -11.81 -8.68
C SER B 211 -1.86 -10.88 -9.00
N ASN B 212 -1.47 -10.05 -8.04
CA ASN B 212 -0.39 -9.06 -8.22
C ASN B 212 -0.68 -8.07 -9.35
N THR B 213 -1.92 -7.61 -9.37
CA THR B 213 -2.36 -6.50 -10.22
C THR B 213 -2.44 -5.20 -9.41
N LYS B 214 -1.55 -4.25 -9.73
CA LYS B 214 -1.68 -2.87 -9.28
C LYS B 214 -1.96 -1.99 -10.49
N VAL B 215 -3.07 -1.26 -10.43
CA VAL B 215 -3.41 -0.27 -11.44
C VAL B 215 -3.77 1.01 -10.71
N ASP B 216 -3.01 2.07 -11.01
CA ASP B 216 -3.36 3.43 -10.61
C ASP B 216 -3.93 4.06 -11.88
N LYS B 217 -5.15 4.59 -11.80
CA LYS B 217 -5.85 5.04 -13.02
C LYS B 217 -6.37 6.48 -12.91
N LYS B 218 -6.02 7.31 -13.89
CA LYS B 218 -6.47 8.71 -13.94
C LYS B 218 -7.89 8.82 -14.51
N VAL B 219 -8.78 9.35 -13.70
CA VAL B 219 -10.16 9.51 -14.10
C VAL B 219 -10.38 10.98 -14.35
N GLU B 220 -10.75 11.30 -15.58
CA GLU B 220 -10.93 12.67 -16.01
C GLU B 220 -12.12 12.78 -16.95
N PRO B 221 -12.64 14.00 -17.13
CA PRO B 221 -13.71 14.33 -18.10
C PRO B 221 -13.33 14.06 -19.57
N LYS B 222 -14.28 13.57 -20.35
CA LYS B 222 -14.01 13.18 -21.74
C LYS B 222 -13.86 14.38 -22.67
N VAL C 15 -45.08 -42.95 47.56
CA VAL C 15 -44.67 -41.73 46.85
C VAL C 15 -43.18 -41.73 46.44
N GLU C 16 -42.79 -42.65 45.56
CA GLU C 16 -41.38 -42.82 45.13
C GLU C 16 -40.48 -41.57 45.06
N CYS C 17 -39.30 -41.65 45.65
CA CYS C 17 -38.34 -40.55 45.56
C CYS C 17 -37.81 -40.45 44.16
N ASP C 18 -37.70 -39.24 43.63
CA ASP C 18 -37.30 -39.13 42.24
C ASP C 18 -35.79 -39.14 42.10
N PHE C 19 -35.25 -40.30 41.70
CA PHE C 19 -33.82 -40.46 41.45
C PHE C 19 -33.43 -40.28 39.98
N SER C 20 -34.39 -40.48 39.07
CA SER C 20 -34.18 -40.30 37.62
C SER C 20 -33.35 -39.08 37.14
N PRO C 21 -33.46 -37.91 37.81
CA PRO C 21 -32.67 -36.81 37.21
C PRO C 21 -31.15 -37.03 37.24
N LEU C 22 -30.76 -38.01 38.02
CA LEU C 22 -29.38 -38.42 38.14
C LEU C 22 -29.01 -39.30 36.95
N LEU C 23 -30.00 -40.00 36.43
CA LEU C 23 -29.80 -40.92 35.33
C LEU C 23 -29.78 -40.21 33.99
N SER C 24 -30.01 -38.90 33.97
CA SER C 24 -30.17 -38.18 32.69
C SER C 24 -29.32 -36.92 32.58
N GLY C 25 -28.27 -36.95 31.74
CA GLY C 25 -27.44 -35.78 31.52
C GLY C 25 -26.01 -35.89 32.02
N THR C 26 -25.19 -34.88 31.76
CA THR C 26 -23.84 -34.83 32.31
C THR C 26 -23.79 -34.38 33.76
N PRO C 27 -23.34 -35.28 34.66
CA PRO C 27 -23.11 -34.93 36.07
C PRO C 27 -22.01 -33.89 36.18
N PRO C 28 -22.21 -32.92 37.05
CA PRO C 28 -21.33 -31.78 37.20
C PRO C 28 -19.98 -32.18 37.73
N GLN C 29 -19.02 -31.26 37.75
CA GLN C 29 -17.76 -31.53 38.42
C GLN C 29 -18.00 -31.42 39.91
N VAL C 30 -17.02 -31.80 40.71
CA VAL C 30 -17.23 -31.99 42.13
C VAL C 30 -17.59 -30.69 42.84
N TYR C 31 -17.09 -29.57 42.31
CA TYR C 31 -17.26 -28.28 42.97
C TYR C 31 -18.57 -27.64 42.58
N ASN C 32 -19.26 -28.30 41.66
CA ASN C 32 -20.59 -27.92 41.25
C ASN C 32 -21.54 -29.05 41.60
N PHE C 33 -21.25 -29.74 42.69
CA PHE C 33 -21.98 -30.96 43.08
C PHE C 33 -23.48 -30.73 43.04
N LYS C 34 -24.22 -31.66 42.43
CA LYS C 34 -25.66 -31.49 42.27
C LYS C 34 -26.41 -32.10 43.44
N ARG C 35 -27.37 -31.36 43.95
CA ARG C 35 -28.02 -31.70 45.22
C ARG C 35 -29.44 -32.20 44.99
N LEU C 36 -29.75 -33.37 45.53
CA LEU C 36 -31.12 -33.81 45.54
C LEU C 36 -31.61 -33.91 46.97
N VAL C 37 -32.70 -33.23 47.26
CA VAL C 37 -33.29 -33.16 48.58
C VAL C 37 -34.63 -33.89 48.65
N PHE C 38 -34.68 -35.03 49.33
CA PHE C 38 -35.91 -35.81 49.42
C PHE C 38 -36.49 -35.71 50.82
N THR C 39 -37.81 -35.74 50.94
CA THR C 39 -38.36 -35.24 52.18
C THR C 39 -39.69 -35.84 52.60
N ASN C 40 -40.42 -36.46 51.69
CA ASN C 40 -41.66 -37.13 52.12
C ASN C 40 -42.01 -38.18 51.10
N CYS C 41 -41.28 -39.29 51.16
CA CYS C 41 -41.38 -40.31 50.12
C CYS C 41 -40.79 -41.63 50.52
N ASN C 42 -40.96 -42.60 49.64
CA ASN C 42 -40.43 -43.93 49.81
C ASN C 42 -39.34 -44.15 48.76
N TYR C 43 -38.23 -44.69 49.20
CA TYR C 43 -37.04 -44.80 48.36
C TYR C 43 -36.61 -46.26 48.30
N ASN C 44 -35.97 -46.65 47.20
CA ASN C 44 -35.31 -47.95 47.15
C ASN C 44 -33.86 -47.72 46.75
N LEU C 45 -33.07 -47.23 47.71
CA LEU C 45 -31.64 -47.00 47.50
C LEU C 45 -30.87 -48.22 46.99
N THR C 46 -31.10 -49.37 47.60
CA THR C 46 -30.35 -50.54 47.19
C THR C 46 -30.69 -50.93 45.72
N LYS C 47 -31.72 -50.30 45.14
CA LYS C 47 -32.07 -50.45 43.71
C LYS C 47 -31.29 -49.48 42.82
N LEU C 48 -31.23 -48.22 43.23
CA LEU C 48 -30.45 -47.23 42.52
C LEU C 48 -29.02 -47.67 42.31
N LEU C 49 -28.39 -48.14 43.39
CA LEU C 49 -27.00 -48.59 43.37
C LEU C 49 -26.78 -49.79 42.45
N SER C 50 -27.88 -50.39 42.03
CA SER C 50 -27.84 -51.61 41.24
C SER C 50 -27.78 -51.24 39.77
N LEU C 51 -27.88 -49.95 39.49
CA LEU C 51 -27.69 -49.45 38.13
C LEU C 51 -26.23 -49.07 37.92
N PHE C 52 -25.45 -49.13 38.99
CA PHE C 52 -24.05 -48.75 38.93
C PHE C 52 -23.12 -49.88 39.35
N SER C 53 -21.83 -49.74 39.04
CA SER C 53 -20.84 -50.66 39.57
C SER C 53 -20.17 -49.97 40.75
N VAL C 54 -20.69 -50.23 41.95
CA VAL C 54 -20.18 -49.58 43.15
C VAL C 54 -18.80 -50.11 43.53
N ASN C 55 -17.84 -49.19 43.53
CA ASN C 55 -16.45 -49.48 43.82
C ASN C 55 -16.18 -49.21 45.28
N ASP C 56 -16.55 -48.02 45.77
CA ASP C 56 -16.49 -47.77 47.19
C ASP C 56 -17.78 -47.23 47.81
N PHE C 57 -18.05 -47.65 49.05
CA PHE C 57 -19.28 -47.30 49.77
C PHE C 57 -18.93 -47.15 51.24
N THR C 58 -18.56 -45.93 51.64
CA THR C 58 -18.05 -45.66 52.99
C THR C 58 -18.97 -44.72 53.72
N CYS C 59 -19.27 -45.05 54.97
CA CYS C 59 -20.19 -44.28 55.82
C CYS C 59 -19.57 -43.70 57.09
N SER C 60 -20.39 -43.04 57.89
CA SER C 60 -19.89 -42.28 59.02
C SER C 60 -21.06 -42.00 59.92
N GLN C 61 -21.12 -42.61 61.11
CA GLN C 61 -22.29 -42.53 62.00
C GLN C 61 -23.48 -43.28 61.43
N ILE C 62 -23.20 -44.13 60.46
CA ILE C 62 -24.21 -45.01 59.93
C ILE C 62 -23.44 -46.11 59.23
N SER C 63 -24.14 -47.09 58.69
CA SER C 63 -23.51 -48.22 58.03
C SER C 63 -24.25 -48.41 56.75
N PRO C 64 -23.55 -48.84 55.69
CA PRO C 64 -24.21 -49.10 54.40
C PRO C 64 -25.52 -49.87 54.52
N ALA C 65 -25.57 -50.86 55.41
CA ALA C 65 -26.80 -51.61 55.62
C ALA C 65 -27.88 -50.70 56.19
N ALA C 66 -27.57 -50.04 57.30
CA ALA C 66 -28.49 -49.12 57.96
C ALA C 66 -28.93 -47.94 57.09
N ILE C 67 -28.01 -47.40 56.30
CA ILE C 67 -28.31 -46.24 55.48
C ILE C 67 -29.43 -46.55 54.50
N ALA C 68 -29.47 -47.80 54.02
CA ALA C 68 -30.50 -48.23 53.09
C ALA C 68 -31.80 -48.60 53.81
N SER C 69 -31.68 -48.98 55.09
CA SER C 69 -32.81 -49.45 55.90
C SER C 69 -33.65 -48.39 56.60
N ASN C 70 -33.01 -47.46 57.27
CA ASN C 70 -33.70 -46.56 58.20
C ASN C 70 -34.69 -45.55 57.59
N CYS C 71 -35.43 -44.87 58.47
CA CYS C 71 -36.43 -43.83 58.11
C CYS C 71 -35.93 -42.43 58.55
N TYR C 72 -35.93 -41.46 57.64
CA TYR C 72 -35.33 -40.15 57.94
C TYR C 72 -36.34 -39.01 57.82
N SER C 73 -36.06 -37.90 58.49
CA SER C 73 -36.86 -36.68 58.29
C SER C 73 -36.49 -36.02 56.96
N SER C 74 -35.23 -36.20 56.56
CA SER C 74 -34.62 -35.55 55.41
C SER C 74 -33.58 -36.47 54.78
N LEU C 75 -33.42 -36.49 53.46
CA LEU C 75 -32.33 -37.27 52.86
C LEU C 75 -31.66 -36.51 51.73
N ILE C 76 -30.37 -36.23 51.84
CA ILE C 76 -29.71 -35.44 50.81
C ILE C 76 -28.81 -36.33 49.98
N LEU C 77 -28.95 -36.27 48.66
CA LEU C 77 -28.04 -37.00 47.78
C LEU C 77 -27.29 -36.05 46.84
N ASP C 78 -25.98 -35.94 47.05
CA ASP C 78 -25.13 -35.16 46.16
C ASP C 78 -24.54 -36.10 45.13
N TYR C 79 -24.44 -35.64 43.88
CA TYR C 79 -23.76 -36.45 42.87
C TYR C 79 -22.96 -35.60 41.91
N PHE C 80 -21.90 -36.20 41.33
CA PHE C 80 -20.97 -35.48 40.49
C PHE C 80 -20.03 -36.44 39.80
N SER C 81 -19.42 -36.02 38.70
CA SER C 81 -18.35 -36.79 38.12
C SER C 81 -17.19 -36.72 39.06
N TYR C 82 -16.54 -37.86 39.25
CA TYR C 82 -15.41 -37.90 40.16
C TYR C 82 -14.55 -39.12 39.85
N PRO C 83 -13.24 -38.91 39.67
CA PRO C 83 -12.41 -40.02 39.18
C PRO C 83 -12.01 -40.98 40.30
N LEU C 84 -12.22 -42.28 40.08
CA LEU C 84 -11.81 -43.33 41.01
C LEU C 84 -10.41 -43.10 41.51
N SER C 85 -9.54 -42.62 40.62
CA SER C 85 -8.13 -42.45 40.93
C SER C 85 -7.91 -41.51 42.10
N MET C 86 -8.90 -40.66 42.38
CA MET C 86 -8.82 -39.78 43.55
C MET C 86 -9.65 -40.24 44.75
N LYS C 87 -9.75 -41.56 44.95
CA LYS C 87 -10.56 -42.13 46.02
C LYS C 87 -10.13 -41.61 47.38
N SER C 88 -8.83 -41.53 47.62
CA SER C 88 -8.31 -41.04 48.90
C SER C 88 -8.68 -39.56 49.21
N ASP C 89 -8.99 -38.79 48.18
CA ASP C 89 -9.31 -37.39 48.37
C ASP C 89 -10.76 -37.20 48.78
N LEU C 90 -11.55 -38.26 48.61
CA LEU C 90 -12.94 -38.17 48.99
C LEU C 90 -13.21 -39.15 50.14
N SER C 91 -13.05 -38.66 51.36
CA SER C 91 -13.46 -39.35 52.59
C SER C 91 -13.61 -38.30 53.69
N VAL C 92 -14.26 -38.65 54.80
CA VAL C 92 -14.36 -37.68 55.89
C VAL C 92 -12.98 -37.16 56.33
N SER C 93 -12.07 -38.11 56.57
CA SER C 93 -10.71 -37.89 57.12
C SER C 93 -9.71 -37.16 56.20
N SER C 94 -9.93 -37.23 54.89
CA SER C 94 -9.07 -36.61 53.90
C SER C 94 -8.76 -35.14 54.26
N ALA C 95 -7.51 -34.73 54.04
CA ALA C 95 -7.11 -33.34 54.25
C ALA C 95 -6.83 -32.70 52.89
N GLY C 96 -7.27 -33.40 51.85
CA GLY C 96 -6.95 -33.01 50.48
C GLY C 96 -7.58 -31.74 49.93
N PRO C 97 -7.41 -31.54 48.62
CA PRO C 97 -7.96 -30.32 48.05
C PRO C 97 -9.47 -30.40 47.82
N ILE C 98 -10.06 -31.60 47.77
CA ILE C 98 -11.48 -31.78 47.51
C ILE C 98 -12.37 -31.33 48.65
N SER C 99 -12.04 -31.75 49.85
CA SER C 99 -12.79 -31.37 51.05
C SER C 99 -12.35 -29.99 51.50
N GLN C 100 -11.19 -29.56 51.02
CA GLN C 100 -10.78 -28.22 51.33
C GLN C 100 -11.43 -27.19 50.45
N PHE C 101 -11.59 -27.44 49.15
CA PHE C 101 -12.08 -26.38 48.25
C PHE C 101 -13.32 -26.71 47.42
N ASN C 102 -13.67 -27.99 47.32
CA ASN C 102 -14.71 -28.38 46.40
C ASN C 102 -15.99 -28.81 47.08
N TYR C 103 -15.90 -29.82 47.94
CA TYR C 103 -17.08 -30.39 48.56
C TYR C 103 -16.84 -31.07 49.90
N LYS C 104 -17.44 -30.49 50.93
CA LYS C 104 -17.31 -31.01 52.27
C LYS C 104 -18.69 -31.27 52.82
N GLN C 105 -18.94 -32.51 53.27
CA GLN C 105 -20.24 -32.77 53.86
C GLN C 105 -20.21 -32.65 55.38
N SER C 106 -21.40 -32.54 55.97
CA SER C 106 -21.47 -32.22 57.38
C SER C 106 -20.91 -33.32 58.24
N PHE C 107 -20.27 -32.92 59.33
CA PHE C 107 -19.60 -33.87 60.18
C PHE C 107 -20.50 -34.22 61.34
N SER C 108 -21.66 -33.55 61.41
CA SER C 108 -22.57 -33.72 62.53
C SER C 108 -23.85 -34.43 62.14
N ASN C 109 -24.00 -34.77 60.87
CA ASN C 109 -25.13 -35.56 60.43
C ASN C 109 -24.52 -36.82 59.88
N PRO C 110 -25.15 -37.98 60.13
CA PRO C 110 -24.57 -39.24 59.67
C PRO C 110 -24.38 -39.18 58.16
N THR C 111 -23.35 -39.83 57.64
CA THR C 111 -22.92 -39.53 56.29
C THR C 111 -22.46 -40.74 55.50
N CYS C 112 -22.63 -40.66 54.19
CA CYS C 112 -22.17 -41.71 53.29
C CYS C 112 -21.43 -41.16 52.09
N LEU C 113 -20.63 -42.01 51.46
CA LEU C 113 -19.77 -41.60 50.37
C LEU C 113 -19.55 -42.77 49.40
N ILE C 114 -20.25 -42.73 48.27
CA ILE C 114 -20.19 -43.80 47.28
C ILE C 114 -19.40 -43.41 46.02
N LEU C 115 -18.46 -44.27 45.60
CA LEU C 115 -17.83 -44.08 44.29
C LEU C 115 -18.39 -45.19 43.39
N ALA C 116 -18.87 -44.82 42.22
CA ALA C 116 -19.49 -45.81 41.36
C ALA C 116 -19.11 -45.57 39.93
N THR C 117 -19.36 -46.56 39.08
CA THR C 117 -19.09 -46.40 37.66
C THR C 117 -20.33 -46.71 36.86
N VAL C 118 -20.62 -45.88 35.89
CA VAL C 118 -21.76 -46.17 35.06
C VAL C 118 -21.25 -47.17 34.00
N PRO C 119 -21.95 -48.32 33.89
CA PRO C 119 -21.60 -49.39 32.96
C PRO C 119 -22.18 -49.14 31.58
N HIS C 120 -21.73 -49.89 30.57
CA HIS C 120 -22.28 -49.79 29.22
C HIS C 120 -23.82 -49.90 29.24
N ASN C 121 -24.32 -50.77 30.11
CA ASN C 121 -25.76 -50.93 30.43
C ASN C 121 -26.52 -49.59 30.35
N LEU C 122 -26.16 -48.64 31.22
CA LEU C 122 -26.86 -47.36 31.34
C LEU C 122 -26.24 -46.26 30.47
N THR C 123 -27.03 -45.78 29.50
CA THR C 123 -26.50 -45.04 28.35
C THR C 123 -26.90 -43.55 28.31
N THR C 124 -27.78 -43.16 29.22
CA THR C 124 -28.40 -41.84 29.19
C THR C 124 -27.67 -40.82 30.08
N ILE C 125 -26.47 -41.19 30.49
CA ILE C 125 -25.64 -40.26 31.25
C ILE C 125 -24.55 -39.80 30.31
N THR C 126 -24.64 -38.57 29.85
CA THR C 126 -23.59 -38.00 29.02
C THR C 126 -22.33 -37.81 29.90
N LYS C 127 -21.23 -37.45 29.27
CA LYS C 127 -19.90 -37.56 29.85
C LYS C 127 -19.18 -36.22 29.68
N PRO C 128 -18.68 -35.63 30.77
CA PRO C 128 -17.93 -34.38 30.56
C PRO C 128 -16.65 -34.65 29.83
N LEU C 129 -15.93 -33.60 29.48
CA LEU C 129 -14.74 -33.72 28.65
C LEU C 129 -13.56 -34.23 29.48
N LYS C 130 -13.63 -34.06 30.79
CA LYS C 130 -12.60 -34.48 31.72
C LYS C 130 -13.05 -34.24 33.17
N TYR C 131 -12.30 -34.75 34.15
CA TYR C 131 -12.60 -34.44 35.54
C TYR C 131 -11.87 -33.17 35.94
N SER C 132 -12.57 -32.24 36.56
CA SER C 132 -11.95 -31.06 37.16
C SER C 132 -12.15 -30.99 38.63
N TYR C 133 -11.32 -30.18 39.27
CA TYR C 133 -11.56 -29.81 40.65
C TYR C 133 -10.74 -28.57 40.97
N ILE C 134 -11.27 -27.74 41.85
CA ILE C 134 -10.55 -26.55 42.29
C ILE C 134 -9.44 -26.91 43.25
N ASN C 135 -8.20 -26.56 42.94
CA ASN C 135 -7.09 -27.05 43.75
C ASN C 135 -6.54 -25.97 44.65
N LYS C 136 -6.98 -24.74 44.44
CA LYS C 136 -6.66 -23.65 45.32
C LYS C 136 -7.78 -22.62 45.18
N CYS C 137 -8.11 -21.93 46.26
CA CYS C 137 -9.12 -20.89 46.19
C CYS C 137 -8.90 -19.85 47.27
N SER C 138 -8.46 -18.66 46.89
CA SER C 138 -8.14 -17.65 47.89
C SER C 138 -8.76 -16.29 47.62
N ARG C 139 -8.74 -15.45 48.64
CA ARG C 139 -9.12 -14.06 48.49
C ARG C 139 -7.89 -13.25 48.76
N LEU C 140 -7.61 -12.29 47.89
CA LEU C 140 -6.51 -11.34 48.06
C LEU C 140 -7.11 -10.06 48.57
N LEU C 141 -6.99 -9.83 49.86
CA LEU C 141 -7.67 -8.73 50.50
C LEU C 141 -7.14 -7.42 50.02
N SER C 142 -7.98 -6.39 50.09
CA SER C 142 -7.76 -5.11 49.43
C SER C 142 -6.64 -4.23 50.00
N ASP C 143 -6.05 -4.68 51.11
CA ASP C 143 -4.86 -4.03 51.66
C ASP C 143 -3.62 -4.37 50.86
N ASP C 144 -3.79 -5.31 49.91
CA ASP C 144 -2.77 -5.69 48.92
C ASP C 144 -1.67 -6.59 49.45
N ARG C 145 -1.93 -7.30 50.52
CA ARG C 145 -0.84 -8.05 51.09
C ARG C 145 -1.28 -9.18 51.98
N THR C 146 -2.57 -9.54 51.91
CA THR C 146 -3.07 -10.67 52.68
C THR C 146 -3.73 -11.70 51.77
N GLU C 147 -3.41 -12.97 51.95
CA GLU C 147 -4.10 -14.03 51.24
C GLU C 147 -4.89 -14.84 52.25
N VAL C 148 -6.19 -14.99 52.01
CA VAL C 148 -7.09 -15.73 52.90
C VAL C 148 -7.73 -16.88 52.14
N PRO C 149 -7.22 -18.13 52.32
CA PRO C 149 -7.80 -19.30 51.66
C PRO C 149 -9.28 -19.49 51.96
N GLN C 150 -10.06 -19.69 50.91
CA GLN C 150 -11.51 -19.79 51.00
C GLN C 150 -11.90 -21.26 51.10
N LEU C 151 -11.84 -21.76 52.33
CA LEU C 151 -12.17 -23.14 52.65
C LEU C 151 -13.67 -23.36 52.55
N VAL C 152 -14.08 -24.40 51.81
CA VAL C 152 -15.50 -24.63 51.59
C VAL C 152 -16.18 -25.07 52.91
N ASN C 153 -17.34 -24.49 53.19
CA ASN C 153 -18.15 -24.96 54.31
C ASN C 153 -18.91 -26.19 53.87
N ALA C 154 -19.38 -26.95 54.85
CA ALA C 154 -20.23 -28.09 54.58
C ALA C 154 -21.52 -27.62 53.92
N ASN C 155 -22.09 -28.46 53.07
CA ASN C 155 -23.37 -28.18 52.44
C ASN C 155 -23.41 -26.92 51.56
N GLN C 156 -22.22 -26.44 51.16
CA GLN C 156 -22.12 -25.24 50.34
C GLN C 156 -21.06 -25.28 49.27
N TYR C 157 -21.13 -24.31 48.36
CA TYR C 157 -20.20 -24.24 47.26
C TYR C 157 -19.04 -23.32 47.55
N SER C 158 -17.94 -23.56 46.87
CA SER C 158 -16.81 -22.68 47.04
C SER C 158 -17.17 -21.37 46.40
N PRO C 159 -16.73 -20.26 46.99
CA PRO C 159 -16.86 -18.91 46.42
C PRO C 159 -16.41 -18.84 44.94
N CYS C 160 -15.54 -19.77 44.59
CA CYS C 160 -14.84 -19.76 43.32
C CYS C 160 -15.64 -20.41 42.22
N VAL C 161 -16.82 -20.89 42.55
CA VAL C 161 -17.66 -21.49 41.54
C VAL C 161 -18.00 -20.42 40.47
N SER C 162 -18.03 -19.15 40.88
CA SER C 162 -18.40 -18.06 40.00
C SER C 162 -17.35 -17.68 38.98
N ILE C 163 -16.11 -18.09 39.20
CA ILE C 163 -15.04 -17.70 38.30
C ILE C 163 -14.39 -18.87 37.65
N VAL C 164 -14.84 -20.07 37.99
CA VAL C 164 -14.33 -21.31 37.38
C VAL C 164 -15.35 -21.97 36.43
N PRO C 165 -14.93 -22.29 35.19
CA PRO C 165 -15.83 -22.90 34.20
C PRO C 165 -16.38 -24.27 34.59
N SER C 166 -17.51 -24.66 33.99
CA SER C 166 -18.25 -25.85 34.34
C SER C 166 -17.34 -27.06 34.44
N THR C 167 -16.33 -27.05 33.56
CA THR C 167 -15.23 -27.99 33.57
C THR C 167 -13.98 -27.21 33.21
N VAL C 168 -12.90 -27.40 33.99
CA VAL C 168 -11.62 -26.72 33.81
C VAL C 168 -11.09 -27.10 32.44
N TRP C 169 -10.60 -26.10 31.70
CA TRP C 169 -10.20 -26.37 30.31
C TRP C 169 -8.91 -27.14 30.26
N GLU C 170 -7.87 -26.55 30.80
CA GLU C 170 -6.59 -27.21 30.84
C GLU C 170 -6.02 -27.18 32.25
N ASP C 171 -5.13 -28.12 32.51
CA ASP C 171 -4.76 -28.44 33.84
C ASP C 171 -4.17 -27.30 34.67
N GLY C 172 -3.55 -26.30 34.10
CA GLY C 172 -2.95 -25.38 35.05
C GLY C 172 -3.83 -24.19 35.32
N ASP C 173 -4.88 -24.05 34.50
CA ASP C 173 -5.70 -22.86 34.37
C ASP C 173 -5.77 -22.07 35.68
N TYR C 174 -5.53 -20.77 35.60
CA TYR C 174 -5.55 -19.91 36.78
C TYR C 174 -6.65 -18.92 36.58
N TYR C 175 -7.37 -18.61 37.64
CA TYR C 175 -8.57 -17.78 37.53
C TYR C 175 -8.42 -16.63 38.49
N ARG C 176 -8.76 -15.43 38.05
CA ARG C 176 -8.50 -14.24 38.84
C ARG C 176 -9.63 -13.30 38.59
N LYS C 177 -10.24 -12.75 39.63
CA LYS C 177 -11.38 -11.86 39.41
C LYS C 177 -11.34 -10.71 40.39
N GLN C 178 -11.56 -9.50 39.91
CA GLN C 178 -11.61 -8.37 40.82
C GLN C 178 -12.97 -8.16 41.41
N LEU C 179 -13.03 -7.95 42.73
CA LEU C 179 -14.29 -7.80 43.39
C LEU C 179 -14.67 -6.34 43.61
N SER C 180 -15.96 -6.09 43.51
CA SER C 180 -16.51 -4.77 43.77
C SER C 180 -16.37 -4.46 45.23
N PRO C 181 -16.28 -3.16 45.58
CA PRO C 181 -16.20 -2.85 47.02
C PRO C 181 -17.37 -3.46 47.83
N LEU C 182 -18.47 -3.79 47.16
CA LEU C 182 -19.59 -4.46 47.82
C LEU C 182 -19.17 -5.87 48.26
N GLU C 183 -18.57 -6.62 47.35
CA GLU C 183 -18.15 -7.99 47.58
C GLU C 183 -16.90 -8.11 48.49
N GLY C 184 -16.37 -7.00 48.99
CA GLY C 184 -15.23 -7.09 49.89
C GLY C 184 -14.04 -6.32 49.38
N GLY C 185 -13.90 -6.30 48.05
CA GLY C 185 -13.02 -5.35 47.41
C GLY C 185 -11.60 -5.82 47.12
N GLY C 186 -11.35 -7.12 47.15
CA GLY C 186 -10.01 -7.51 46.82
C GLY C 186 -9.96 -8.09 45.42
N TRP C 187 -9.40 -9.28 45.37
CA TRP C 187 -9.46 -10.15 44.23
C TRP C 187 -9.88 -11.51 44.76
N LEU C 188 -10.62 -12.24 43.93
CA LEU C 188 -10.92 -13.63 44.19
C LEU C 188 -10.11 -14.42 43.19
N VAL C 189 -9.26 -15.30 43.67
CA VAL C 189 -8.31 -15.99 42.84
C VAL C 189 -8.47 -17.50 42.94
N ALA C 190 -8.29 -18.26 41.87
CA ALA C 190 -8.41 -19.71 41.98
C ALA C 190 -7.54 -20.43 40.99
N SER C 191 -7.35 -21.72 41.21
CA SER C 191 -6.65 -22.59 40.26
C SER C 191 -7.33 -23.96 40.17
N GLY C 192 -7.35 -24.57 39.00
CA GLY C 192 -8.04 -25.83 38.83
C GLY C 192 -7.11 -26.88 38.24
N SER C 193 -7.38 -28.15 38.55
CA SER C 193 -6.58 -29.25 38.04
C SER C 193 -7.48 -30.20 37.30
N THR C 194 -6.92 -30.98 36.37
CA THR C 194 -7.75 -31.90 35.62
C THR C 194 -7.20 -33.29 35.71
N VAL C 195 -8.10 -34.25 35.57
CA VAL C 195 -7.77 -35.67 35.52
C VAL C 195 -8.45 -36.22 34.26
N ALA C 196 -7.68 -36.92 33.44
CA ALA C 196 -8.13 -37.31 32.11
C ALA C 196 -9.37 -38.17 32.18
N MET C 197 -10.29 -37.98 31.25
CA MET C 197 -11.51 -38.79 31.20
C MET C 197 -11.23 -40.30 30.99
N THR C 198 -12.02 -41.13 31.68
CA THR C 198 -11.84 -42.60 31.69
C THR C 198 -12.84 -43.28 30.77
N GLU C 199 -12.55 -44.51 30.39
CA GLU C 199 -13.38 -45.20 29.42
C GLU C 199 -14.87 -45.13 29.75
N GLN C 200 -15.26 -45.64 30.92
CA GLN C 200 -16.60 -45.42 31.44
C GLN C 200 -16.61 -44.37 32.53
N LEU C 201 -17.70 -43.62 32.63
CA LEU C 201 -17.75 -42.50 33.56
C LEU C 201 -17.75 -42.99 35.02
N GLN C 202 -17.03 -42.30 35.90
CA GLN C 202 -16.91 -42.64 37.30
C GLN C 202 -17.42 -41.48 38.12
N MET C 203 -18.23 -41.76 39.13
CA MET C 203 -18.92 -40.72 39.88
C MET C 203 -18.76 -40.85 41.40
N GLY C 204 -19.06 -39.78 42.13
CA GLY C 204 -19.10 -39.84 43.57
C GLY C 204 -20.49 -39.46 44.05
N PHE C 205 -21.01 -40.18 45.04
CA PHE C 205 -22.30 -39.82 45.62
C PHE C 205 -22.10 -39.56 47.07
N GLY C 206 -22.62 -38.43 47.54
CA GLY C 206 -22.62 -38.16 48.95
C GLY C 206 -24.04 -38.28 49.48
N ILE C 207 -24.24 -39.07 50.54
CA ILE C 207 -25.54 -39.12 51.19
C ILE C 207 -25.49 -38.49 52.57
N THR C 208 -26.50 -37.68 52.89
CA THR C 208 -26.61 -37.00 54.18
C THR C 208 -28.04 -37.17 54.72
N VAL C 209 -28.18 -37.80 55.89
CA VAL C 209 -29.50 -38.01 56.49
C VAL C 209 -29.70 -37.22 57.78
N GLN C 210 -30.94 -36.82 58.05
CA GLN C 210 -31.25 -36.16 59.30
C GLN C 210 -32.41 -36.93 59.94
N TYR C 211 -32.29 -37.16 61.24
CA TYR C 211 -33.34 -37.87 61.94
C TYR C 211 -34.22 -36.94 62.79
N GLY C 212 -35.16 -37.55 63.51
CA GLY C 212 -36.03 -36.82 64.43
C GLY C 212 -36.83 -35.74 63.74
N THR C 213 -37.61 -34.98 64.50
CA THR C 213 -37.73 -35.17 65.94
C THR C 213 -38.99 -35.98 66.29
N ASP C 214 -39.84 -36.18 65.29
CA ASP C 214 -41.08 -36.97 65.34
C ASP C 214 -41.52 -37.28 63.91
N THR C 215 -40.64 -36.99 62.97
CA THR C 215 -41.05 -36.68 61.61
C THR C 215 -40.25 -37.41 60.55
N ASN C 216 -39.95 -38.68 60.83
CA ASN C 216 -39.11 -39.49 59.97
C ASN C 216 -39.87 -40.15 58.82
N SER C 217 -40.23 -39.35 57.82
CA SER C 217 -41.11 -39.82 56.74
C SER C 217 -40.41 -39.89 55.37
N VAL C 218 -39.21 -40.49 55.37
CA VAL C 218 -38.47 -40.76 54.15
C VAL C 218 -38.08 -42.24 54.29
N CYS C 219 -39.04 -43.05 54.68
CA CYS C 219 -38.82 -44.45 54.87
C CYS C 219 -38.66 -45.20 53.56
N PRO C 220 -38.18 -46.45 53.62
CA PRO C 220 -37.98 -47.12 52.34
C PRO C 220 -39.21 -47.89 51.89
N LYS C 221 -39.15 -48.45 50.69
CA LYS C 221 -40.32 -49.12 50.12
C LYS C 221 -40.23 -50.64 50.17
N ALA D 1 22.48 1.18 -22.93
CA ALA D 1 21.79 2.14 -22.08
C ALA D 1 20.26 2.03 -22.22
N ILE D 2 19.56 2.53 -21.22
CA ILE D 2 18.09 2.65 -21.25
C ILE D 2 17.73 3.99 -21.91
N ARG D 3 16.81 3.96 -22.85
CA ARG D 3 16.42 5.17 -23.57
C ARG D 3 15.05 5.73 -23.15
N MET D 4 15.04 6.94 -22.61
CA MET D 4 13.76 7.61 -22.32
C MET D 4 13.35 8.44 -23.53
N THR D 5 12.17 8.17 -24.08
CA THR D 5 11.67 8.93 -25.23
C THR D 5 10.49 9.78 -24.79
N GLN D 6 10.71 11.09 -24.73
CA GLN D 6 9.74 11.99 -24.15
C GLN D 6 8.95 12.75 -25.20
N SER D 7 7.69 13.03 -24.92
CA SER D 7 6.82 13.67 -25.88
C SER D 7 5.68 14.40 -25.19
N PRO D 8 5.20 15.51 -25.76
CA PRO D 8 5.72 16.10 -27.00
C PRO D 8 7.01 16.88 -26.74
N SER D 9 7.83 17.10 -27.76
CA SER D 9 9.11 17.81 -27.61
C SER D 9 8.93 19.21 -27.09
N PHE D 10 7.80 19.78 -27.48
CA PHE D 10 7.44 21.14 -27.18
C PHE D 10 5.94 21.15 -27.05
N LEU D 11 5.42 21.93 -26.12
CA LEU D 11 3.98 22.07 -26.09
C LEU D 11 3.51 23.36 -25.42
N SER D 12 2.39 23.85 -25.94
CA SER D 12 1.82 25.13 -25.59
C SER D 12 0.38 25.00 -25.10
N ALA D 13 0.07 25.66 -23.99
CA ALA D 13 -1.30 25.69 -23.44
C ALA D 13 -1.52 27.01 -22.70
N SER D 14 -2.76 27.45 -22.60
CA SER D 14 -3.10 28.73 -21.93
C SER D 14 -3.23 28.56 -20.42
N VAL D 15 -3.35 29.66 -19.68
CA VAL D 15 -3.35 29.54 -18.21
C VAL D 15 -4.58 28.86 -17.62
N GLY D 16 -4.35 27.84 -16.81
CA GLY D 16 -5.41 27.12 -16.16
C GLY D 16 -5.65 25.75 -16.80
N ASP D 17 -5.16 25.59 -18.02
CA ASP D 17 -5.37 24.38 -18.82
C ASP D 17 -4.68 23.19 -18.14
N ARG D 18 -4.98 21.98 -18.59
CA ARG D 18 -4.30 20.79 -18.09
C ARG D 18 -3.29 20.33 -19.13
N VAL D 19 -2.10 19.90 -18.70
CA VAL D 19 -1.07 19.50 -19.65
C VAL D 19 -0.51 18.14 -19.30
N THR D 20 -0.23 17.32 -20.30
CA THR D 20 0.32 16.00 -20.02
C THR D 20 1.53 15.66 -20.86
N ILE D 21 2.66 15.45 -20.20
CA ILE D 21 3.89 15.03 -20.86
C ILE D 21 4.07 13.51 -20.70
N THR D 22 4.63 12.85 -21.69
CA THR D 22 4.70 11.41 -21.64
C THR D 22 6.14 10.95 -21.76
N CYS D 23 6.49 9.91 -21.00
CA CYS D 23 7.84 9.39 -20.98
C CYS D 23 7.82 7.89 -21.19
N ARG D 24 8.61 7.38 -22.13
CA ARG D 24 8.60 5.94 -22.37
C ARG D 24 9.98 5.36 -22.41
N ALA D 25 10.17 4.36 -21.57
CA ALA D 25 11.43 3.68 -21.43
C ALA D 25 11.42 2.43 -22.27
N SER D 26 12.59 2.05 -22.73
CA SER D 26 12.76 0.81 -23.47
C SER D 26 12.90 -0.47 -22.59
N GLN D 27 12.65 -0.34 -21.28
CA GLN D 27 12.46 -1.50 -20.42
C GLN D 27 11.77 -1.17 -19.08
N ASP D 28 11.20 -2.18 -18.42
CA ASP D 28 10.56 -1.99 -17.12
C ASP D 28 11.54 -1.29 -16.16
N ILE D 29 11.11 -0.20 -15.56
CA ILE D 29 11.95 0.48 -14.57
C ILE D 29 11.20 0.74 -13.26
N ASN D 30 10.10 0.02 -13.07
CA ASN D 30 9.48 -0.18 -11.77
C ASN D 30 9.39 1.11 -10.96
N SER D 31 8.76 2.11 -11.55
CA SER D 31 8.62 3.38 -10.85
C SER D 31 9.94 4.05 -10.36
N PHE D 32 11.08 3.60 -10.89
CA PHE D 32 12.33 4.31 -10.67
C PHE D 32 12.56 5.43 -11.70
N LEU D 33 11.67 6.43 -11.73
CA LEU D 33 11.77 7.53 -12.69
C LEU D 33 11.51 8.85 -11.97
N ALA D 34 12.38 9.85 -12.17
CA ALA D 34 12.15 11.17 -11.56
C ALA D 34 11.70 12.20 -12.60
N TRP D 35 11.08 13.28 -12.15
CA TRP D 35 10.76 14.42 -13.04
C TRP D 35 11.41 15.71 -12.55
N TYR D 36 11.96 16.48 -13.49
CA TYR D 36 12.62 17.74 -13.16
C TYR D 36 12.03 18.95 -13.91
N GLN D 37 12.16 20.13 -13.33
CA GLN D 37 11.76 21.37 -13.98
C GLN D 37 12.97 22.30 -14.09
N GLN D 38 13.34 22.68 -15.31
CA GLN D 38 14.48 23.59 -15.52
C GLN D 38 14.06 24.90 -16.17
N ARG D 39 14.00 25.97 -15.37
CA ARG D 39 13.65 27.29 -15.87
C ARG D 39 14.80 27.91 -16.62
N PRO D 40 14.50 28.58 -17.74
CA PRO D 40 15.50 29.14 -18.65
C PRO D 40 16.77 29.64 -17.94
N GLY D 41 17.91 29.01 -18.23
CA GLY D 41 19.20 29.47 -17.74
C GLY D 41 19.52 29.16 -16.28
N LYS D 42 19.00 28.06 -15.76
CA LYS D 42 19.19 27.67 -14.35
C LYS D 42 19.34 26.17 -14.13
N ALA D 43 19.74 25.78 -12.92
CA ALA D 43 19.82 24.37 -12.53
C ALA D 43 18.43 23.73 -12.43
N PRO D 44 18.34 22.42 -12.71
CA PRO D 44 17.08 21.68 -12.59
C PRO D 44 16.55 21.62 -11.18
N LYS D 45 15.23 21.55 -11.04
CA LYS D 45 14.59 21.44 -9.73
C LYS D 45 13.83 20.11 -9.67
N LEU D 46 13.93 19.41 -8.55
CA LEU D 46 13.22 18.16 -8.42
C LEU D 46 11.73 18.34 -8.16
N LEU D 47 10.89 17.77 -9.02
CA LEU D 47 9.45 17.77 -8.82
C LEU D 47 8.94 16.46 -8.25
N ILE D 48 9.24 15.39 -8.97
CA ILE D 48 8.68 14.10 -8.68
C ILE D 48 9.75 13.03 -8.59
N TYR D 49 9.76 12.35 -7.44
CA TYR D 49 10.60 11.18 -7.22
C TYR D 49 9.64 10.06 -7.06
N GLY D 50 10.16 8.85 -6.86
CA GLY D 50 9.32 7.67 -6.95
C GLY D 50 8.86 7.78 -8.37
N ALA D 51 7.70 7.25 -8.72
CA ALA D 51 7.17 7.62 -10.01
C ALA D 51 6.11 8.71 -9.80
N SER D 52 5.67 8.84 -8.53
CA SER D 52 4.51 9.63 -8.19
C SER D 52 4.66 10.50 -6.94
N ASN D 53 5.84 10.52 -6.35
CA ASN D 53 6.00 11.14 -5.05
C ASN D 53 6.34 12.62 -5.13
N LEU D 54 5.49 13.45 -4.52
CA LEU D 54 5.61 14.90 -4.59
C LEU D 54 6.63 15.47 -3.58
N GLU D 55 7.69 16.06 -4.12
CA GLU D 55 8.72 16.71 -3.31
C GLU D 55 8.15 17.96 -2.57
N THR D 56 8.41 18.07 -1.27
CA THR D 56 7.80 19.12 -0.43
C THR D 56 8.09 20.57 -0.88
N GLY D 57 7.03 21.36 -0.94
CA GLY D 57 7.17 22.74 -1.33
C GLY D 57 7.04 22.85 -2.82
N VAL D 58 6.71 21.77 -3.50
CA VAL D 58 6.31 21.93 -4.89
C VAL D 58 4.81 21.86 -4.85
N PRO D 59 4.16 22.79 -5.57
CA PRO D 59 2.70 22.84 -5.53
C PRO D 59 2.10 21.50 -5.93
N SER D 60 1.00 21.12 -5.29
CA SER D 60 0.38 19.84 -5.54
C SER D 60 -0.30 19.71 -6.91
N ARG D 61 -0.38 20.82 -7.65
CA ARG D 61 -1.02 20.82 -8.97
C ARG D 61 -0.18 19.97 -9.93
N PHE D 62 1.08 19.76 -9.55
CA PHE D 62 1.95 18.83 -10.25
C PHE D 62 1.63 17.41 -9.77
N SER D 63 1.50 16.49 -10.72
CA SER D 63 1.25 15.10 -10.38
C SER D 63 1.93 14.20 -11.39
N GLY D 64 2.55 13.16 -10.88
CA GLY D 64 3.20 12.18 -11.71
C GLY D 64 2.36 10.94 -11.50
N GLY D 65 2.39 10.07 -12.48
CA GLY D 65 1.64 8.83 -12.44
C GLY D 65 2.44 7.92 -13.34
N GLY D 66 2.07 6.64 -13.35
CA GLY D 66 2.69 5.66 -14.22
C GLY D 66 3.62 4.68 -13.51
N SER D 67 3.91 3.57 -14.18
CA SER D 67 4.86 2.60 -13.66
C SER D 67 5.17 1.61 -14.76
N GLY D 68 6.20 0.81 -14.56
CA GLY D 68 6.62 -0.13 -15.59
C GLY D 68 7.45 0.59 -16.65
N THR D 69 6.85 0.87 -17.79
CA THR D 69 7.57 1.55 -18.90
C THR D 69 6.92 2.83 -19.40
N ASP D 70 5.75 3.16 -18.87
CA ASP D 70 4.99 4.30 -19.35
C ASP D 70 4.60 5.24 -18.21
N PHE D 71 5.06 6.47 -18.29
CA PHE D 71 4.95 7.45 -17.20
C PHE D 71 4.39 8.75 -17.74
N THR D 72 3.60 9.46 -16.93
CA THR D 72 3.13 10.79 -17.28
C THR D 72 3.38 11.82 -16.19
N LEU D 73 3.80 13.03 -16.58
CA LEU D 73 3.73 14.16 -15.67
C LEU D 73 2.51 14.99 -16.04
N THR D 74 1.78 15.48 -15.04
CA THR D 74 0.54 16.15 -15.36
C THR D 74 0.51 17.42 -14.57
N ILE D 75 0.79 18.52 -15.27
CA ILE D 75 0.64 19.86 -14.73
C ILE D 75 -0.79 20.30 -15.04
N SER D 76 -1.55 20.52 -13.99
CA SER D 76 -2.97 20.81 -14.12
C SER D 76 -3.23 22.07 -13.31
N SER D 77 -3.63 23.13 -14.04
CA SER D 77 -3.72 24.55 -13.65
C SER D 77 -2.39 25.23 -13.90
N LEU D 78 -1.95 25.12 -15.15
CA LEU D 78 -0.79 25.82 -15.70
C LEU D 78 -0.74 27.29 -15.24
N GLN D 79 0.46 27.74 -14.85
CA GLN D 79 0.71 29.11 -14.44
C GLN D 79 1.95 29.66 -15.17
N PRO D 80 1.98 30.98 -15.43
CA PRO D 80 2.99 31.66 -16.26
C PRO D 80 4.47 31.42 -15.86
N GLU D 81 4.71 31.10 -14.60
CA GLU D 81 6.05 30.74 -14.15
C GLU D 81 6.35 29.25 -14.36
N ASP D 82 5.39 28.50 -14.93
CA ASP D 82 5.62 27.09 -15.24
C ASP D 82 6.27 26.93 -16.59
N ILE D 83 6.68 28.05 -17.16
CA ILE D 83 7.43 28.04 -18.40
C ILE D 83 8.82 27.50 -18.10
N ALA D 84 9.12 26.33 -18.64
CA ALA D 84 10.39 25.69 -18.38
C ALA D 84 10.56 24.53 -19.31
N THR D 85 11.67 23.83 -19.14
CA THR D 85 11.92 22.57 -19.81
C THR D 85 11.77 21.46 -18.76
N TYR D 86 11.08 20.38 -19.12
CA TYR D 86 10.88 19.25 -18.23
C TYR D 86 11.61 18.02 -18.72
N TYR D 87 12.40 17.43 -17.83
CA TYR D 87 13.19 16.25 -18.15
C TYR D 87 12.66 15.10 -17.36
N CYS D 88 12.71 13.90 -17.90
CA CYS D 88 12.47 12.75 -17.06
C CYS D 88 13.78 11.99 -16.87
N GLN D 89 13.91 11.26 -15.77
CA GLN D 89 15.14 10.54 -15.51
C GLN D 89 14.85 9.19 -14.91
N GLN D 90 15.32 8.13 -15.55
CA GLN D 90 15.23 6.81 -14.97
C GLN D 90 16.50 6.57 -14.17
N TYR D 91 16.34 6.02 -12.97
CA TYR D 91 17.52 5.69 -12.18
C TYR D 91 17.58 4.19 -11.80
N ASP D 92 17.10 3.32 -12.70
CA ASP D 92 17.06 1.90 -12.40
C ASP D 92 18.35 1.21 -12.84
N LYS D 93 19.02 1.86 -13.78
CA LYS D 93 20.32 1.45 -14.33
C LYS D 93 20.98 2.79 -14.46
N LEU D 94 22.27 2.84 -14.82
CA LEU D 94 22.95 4.13 -14.99
C LEU D 94 22.04 5.18 -15.64
N PRO D 95 21.86 6.32 -14.92
CA PRO D 95 20.82 7.33 -15.17
C PRO D 95 20.84 7.86 -16.57
N THR D 96 19.67 7.92 -17.20
CA THR D 96 19.56 8.56 -18.49
C THR D 96 18.33 9.44 -18.45
N PHE D 97 18.34 10.50 -19.25
CA PHE D 97 17.26 11.46 -19.23
C PHE D 97 16.42 11.47 -20.50
N GLY D 98 15.20 11.97 -20.37
CA GLY D 98 14.35 12.26 -21.52
C GLY D 98 14.92 13.43 -22.29
N GLN D 99 14.50 13.55 -23.54
CA GLN D 99 15.11 14.50 -24.48
C GLN D 99 14.78 15.94 -24.12
N GLY D 100 13.71 16.13 -23.36
CA GLY D 100 13.27 17.47 -22.96
C GLY D 100 11.87 17.78 -23.46
N THR D 101 11.11 18.55 -22.68
CA THR D 101 9.83 19.10 -23.14
C THR D 101 9.71 20.55 -22.71
N ARG D 102 9.72 21.43 -23.70
CA ARG D 102 9.70 22.86 -23.45
C ARG D 102 8.26 23.28 -23.40
N LEU D 103 7.92 24.05 -22.37
CA LEU D 103 6.54 24.38 -22.11
C LEU D 103 6.27 25.86 -22.32
N GLU D 104 5.44 26.17 -23.30
CA GLU D 104 4.98 27.53 -23.58
C GLU D 104 3.58 27.82 -23.05
N ILE D 105 3.36 29.06 -22.61
CA ILE D 105 2.05 29.51 -22.13
C ILE D 105 1.32 30.38 -23.15
N LYS D 106 0.13 29.94 -23.60
CA LYS D 106 -0.66 30.80 -24.47
C LYS D 106 -1.15 32.04 -23.70
N ARG D 107 -1.49 33.07 -24.46
CA ARG D 107 -1.73 34.42 -23.97
C ARG D 107 -2.32 35.26 -25.11
N THR D 108 -3.11 36.27 -24.74
CA THR D 108 -3.58 37.33 -25.65
C THR D 108 -2.49 37.79 -26.65
N VAL D 109 -2.85 37.90 -27.93
CA VAL D 109 -1.93 38.37 -28.97
C VAL D 109 -1.39 39.77 -28.64
N ALA D 110 -0.11 40.02 -28.90
CA ALA D 110 0.48 41.32 -28.59
C ALA D 110 1.54 41.71 -29.63
N ALA D 111 1.28 42.78 -30.37
CA ALA D 111 2.13 43.16 -31.50
C ALA D 111 3.43 43.82 -31.03
N PRO D 112 4.53 43.57 -31.75
CA PRO D 112 5.85 44.06 -31.38
C PRO D 112 6.03 45.56 -31.55
N SER D 113 6.83 46.19 -30.68
CA SER D 113 7.25 47.58 -30.89
C SER D 113 8.59 47.55 -31.60
N VAL D 114 8.60 48.00 -32.85
CA VAL D 114 9.81 47.89 -33.67
C VAL D 114 10.67 49.15 -33.60
N PHE D 115 11.97 48.93 -33.46
CA PHE D 115 12.98 50.00 -33.43
C PHE D 115 14.14 49.58 -34.34
N ILE D 116 14.83 50.56 -34.92
CA ILE D 116 15.99 50.23 -35.73
C ILE D 116 17.21 51.06 -35.34
N PHE D 117 18.39 50.47 -35.44
CA PHE D 117 19.60 51.13 -35.00
C PHE D 117 20.71 51.08 -36.02
N PRO D 118 21.09 52.25 -36.56
CA PRO D 118 22.25 52.34 -37.46
C PRO D 118 23.53 51.92 -36.74
N PRO D 119 24.57 51.61 -37.50
CA PRO D 119 25.83 51.18 -36.88
C PRO D 119 26.55 52.37 -36.25
N SER D 120 27.36 52.10 -35.24
CA SER D 120 28.12 53.15 -34.59
C SER D 120 29.38 53.42 -35.39
N ASP D 121 29.83 54.66 -35.38
CA ASP D 121 31.06 55.05 -36.07
C ASP D 121 32.30 54.37 -35.49
N GLU D 122 32.33 54.18 -34.17
CA GLU D 122 33.29 53.27 -33.53
C GLU D 122 33.52 51.98 -34.34
N GLN D 123 32.43 51.35 -34.75
CA GLN D 123 32.51 50.07 -35.44
C GLN D 123 32.92 50.30 -36.88
N LEU D 124 32.42 51.37 -37.46
CA LEU D 124 32.71 51.71 -38.84
C LEU D 124 34.20 51.92 -39.05
N LYS D 125 34.91 52.41 -38.03
CA LYS D 125 36.37 52.56 -38.13
C LYS D 125 37.07 51.19 -38.30
N SER D 126 36.67 50.18 -37.54
CA SER D 126 37.25 48.83 -37.62
C SER D 126 36.75 48.05 -38.86
N GLY D 127 35.96 48.72 -39.69
CA GLY D 127 35.58 48.24 -41.02
C GLY D 127 34.39 47.29 -41.15
N THR D 128 33.57 47.22 -40.11
CA THR D 128 32.38 46.36 -40.17
C THR D 128 31.14 47.16 -39.79
N ALA D 129 29.98 46.81 -40.34
CA ALA D 129 28.76 47.59 -40.10
C ALA D 129 27.59 46.71 -39.63
N SER D 130 27.12 46.92 -38.41
CA SER D 130 26.07 46.12 -37.84
C SER D 130 24.81 46.94 -37.65
N VAL D 131 23.81 46.64 -38.47
CA VAL D 131 22.50 47.26 -38.36
C VAL D 131 21.62 46.37 -37.52
N VAL D 132 21.00 46.91 -36.50
CA VAL D 132 20.20 46.09 -35.60
C VAL D 132 18.71 46.43 -35.69
N CYS D 133 17.87 45.41 -35.79
CA CYS D 133 16.43 45.60 -35.71
C CYS D 133 15.95 44.90 -34.45
N LEU D 134 15.08 45.58 -33.71
CA LEU D 134 14.58 45.08 -32.43
C LEU D 134 13.07 44.94 -32.43
N LEU D 135 12.57 43.73 -32.19
CA LEU D 135 11.15 43.53 -31.96
C LEU D 135 10.94 43.35 -30.47
N ASN D 136 9.93 44.01 -29.93
CA ASN D 136 9.84 44.11 -28.49
C ASN D 136 8.51 43.71 -27.90
N ASN D 137 8.59 42.71 -27.02
CA ASN D 137 7.46 42.21 -26.23
C ASN D 137 6.19 41.84 -27.01
N PHE D 138 6.25 40.70 -27.70
CA PHE D 138 5.14 40.18 -28.49
C PHE D 138 4.72 38.72 -28.17
N TYR D 139 3.58 38.31 -28.74
CA TYR D 139 3.10 36.93 -28.74
C TYR D 139 2.09 36.82 -29.88
N PRO D 140 2.12 35.72 -30.66
CA PRO D 140 3.02 34.55 -30.56
C PRO D 140 4.46 34.81 -31.03
N ARG D 141 5.28 33.77 -30.94
CA ARG D 141 6.70 33.82 -31.27
C ARG D 141 6.94 34.09 -32.75
N GLU D 142 5.99 33.68 -33.58
CA GLU D 142 6.18 33.72 -35.02
C GLU D 142 6.17 35.15 -35.53
N ALA D 143 7.32 35.57 -36.05
CA ALA D 143 7.51 36.89 -36.65
C ALA D 143 8.47 36.80 -37.82
N LYS D 144 8.14 37.51 -38.88
CA LYS D 144 8.97 37.57 -40.07
C LYS D 144 9.77 38.85 -39.98
N VAL D 145 11.06 38.77 -40.29
CA VAL D 145 11.89 39.96 -40.30
C VAL D 145 12.76 39.98 -41.54
N GLN D 146 12.47 40.85 -42.49
CA GLN D 146 13.32 40.92 -43.67
C GLN D 146 13.85 42.30 -43.91
N TRP D 147 15.11 42.34 -44.32
CA TRP D 147 15.81 43.57 -44.57
C TRP D 147 15.62 44.09 -46.00
N LYS D 148 15.77 45.40 -46.16
CA LYS D 148 15.58 46.08 -47.44
C LYS D 148 16.60 47.20 -47.62
N VAL D 149 17.66 46.99 -48.40
CA VAL D 149 18.60 48.09 -48.71
C VAL D 149 18.41 48.78 -50.09
N ASP D 150 18.10 50.08 -50.07
CA ASP D 150 17.83 50.90 -51.27
C ASP D 150 16.62 50.33 -52.03
N ASN D 151 15.76 49.67 -51.24
CA ASN D 151 14.44 49.16 -51.59
C ASN D 151 14.65 47.80 -52.27
N ALA D 152 15.90 47.33 -52.26
CA ALA D 152 16.26 45.99 -52.75
C ALA D 152 16.48 45.03 -51.59
N LEU D 153 15.79 43.89 -51.60
CA LEU D 153 15.72 42.99 -50.43
C LEU D 153 16.95 42.14 -49.99
N GLN D 154 17.48 42.44 -48.81
CA GLN D 154 18.64 41.69 -48.28
C GLN D 154 18.25 40.31 -47.81
N SER D 155 19.04 39.33 -48.22
CA SER D 155 18.71 37.93 -48.04
C SER D 155 19.90 37.06 -47.59
N GLY D 156 19.76 36.41 -46.43
CA GLY D 156 20.80 35.51 -45.96
C GLY D 156 21.97 36.18 -45.28
N ASN D 157 22.03 37.51 -45.28
CA ASN D 157 23.15 38.23 -44.66
C ASN D 157 22.73 38.77 -43.31
N SER D 158 21.60 38.28 -42.83
CA SER D 158 21.06 38.62 -41.51
C SER D 158 21.26 37.48 -40.50
N GLN D 159 20.89 37.71 -39.24
CA GLN D 159 21.03 36.72 -38.13
C GLN D 159 20.22 37.09 -36.91
N GLU D 160 19.15 36.36 -36.58
CA GLU D 160 18.28 36.83 -35.49
C GLU D 160 18.48 36.03 -34.22
N SER D 161 17.89 36.54 -33.14
CA SER D 161 18.08 35.97 -31.83
C SER D 161 16.96 36.35 -30.89
N VAL D 162 16.31 35.37 -30.29
CA VAL D 162 15.12 35.63 -29.51
C VAL D 162 15.34 35.20 -28.07
N THR D 163 14.69 35.88 -27.14
CA THR D 163 14.79 35.53 -25.72
C THR D 163 13.99 34.28 -25.39
N GLU D 164 14.30 33.66 -24.25
CA GLU D 164 13.39 32.66 -23.73
C GLU D 164 12.16 33.43 -23.30
N GLN D 165 10.99 32.83 -23.49
CA GLN D 165 9.71 33.49 -23.25
C GLN D 165 9.75 34.09 -21.88
N ASP D 166 9.29 35.32 -21.78
CA ASP D 166 9.31 35.96 -20.49
C ASP D 166 8.24 35.31 -19.62
N SER D 167 8.54 35.10 -18.33
CA SER D 167 7.56 34.47 -17.43
C SER D 167 6.48 35.47 -16.94
N LYS D 168 6.87 36.73 -16.76
CA LYS D 168 6.02 37.74 -16.07
C LYS D 168 5.09 38.59 -16.99
N ASP D 169 5.02 38.23 -18.27
CA ASP D 169 4.04 38.82 -19.19
C ASP D 169 3.85 37.95 -20.44
N SER D 170 4.53 36.80 -20.45
CA SER D 170 4.40 35.79 -21.51
C SER D 170 4.74 36.29 -22.92
N THR D 171 5.70 37.19 -23.02
CA THR D 171 6.09 37.73 -24.33
C THR D 171 7.54 37.47 -24.68
N TYR D 172 7.85 37.62 -25.96
CA TYR D 172 9.20 37.38 -26.47
C TYR D 172 9.80 38.69 -27.00
N SER D 173 11.09 38.65 -27.31
CA SER D 173 11.77 39.77 -27.95
C SER D 173 12.84 39.24 -28.89
N LEU D 174 13.07 39.94 -29.99
CA LEU D 174 13.93 39.44 -31.04
C LEU D 174 14.89 40.56 -31.47
N SER D 175 16.14 40.20 -31.74
CA SER D 175 17.08 41.15 -32.31
C SER D 175 17.76 40.46 -33.49
N SER D 176 17.37 40.87 -34.70
CA SER D 176 18.05 40.46 -35.93
C SER D 176 19.10 41.49 -36.25
N THR D 177 20.28 40.98 -36.53
CA THR D 177 21.38 41.84 -36.87
C THR D 177 21.86 41.51 -38.29
N LEU D 178 21.91 42.56 -39.08
CA LEU D 178 22.38 42.57 -40.45
C LEU D 178 23.85 42.93 -40.37
N THR D 179 24.71 42.29 -41.12
CA THR D 179 26.10 42.73 -41.13
C THR D 179 26.54 43.05 -42.55
N LEU D 180 27.32 44.11 -42.71
CA LEU D 180 27.84 44.52 -44.01
C LEU D 180 29.30 44.94 -43.89
N SER D 181 29.88 45.41 -44.97
CA SER D 181 31.19 46.02 -44.88
C SER D 181 31.05 47.56 -44.82
N LYS D 182 32.05 48.26 -44.26
CA LYS D 182 32.02 49.72 -44.28
C LYS D 182 31.96 50.13 -45.75
N ALA D 183 32.65 49.36 -46.60
CA ALA D 183 32.63 49.65 -48.04
C ALA D 183 31.20 49.60 -48.56
N ASP D 184 30.51 48.52 -48.23
CA ASP D 184 29.17 48.27 -48.79
C ASP D 184 28.08 49.11 -48.14
N TYR D 185 28.18 49.31 -46.81
CA TYR D 185 27.17 50.07 -46.07
C TYR D 185 27.14 51.52 -46.54
N GLU D 186 28.32 52.12 -46.73
CA GLU D 186 28.42 53.53 -47.15
C GLU D 186 28.03 53.73 -48.61
N LYS D 187 27.64 52.65 -49.30
CA LYS D 187 27.20 52.77 -50.69
C LYS D 187 25.71 53.15 -50.86
N HIS D 188 24.85 52.82 -49.88
CA HIS D 188 23.41 53.12 -49.98
C HIS D 188 22.93 54.11 -48.90
N LYS D 189 21.75 54.71 -49.09
CA LYS D 189 21.30 55.84 -48.24
C LYS D 189 20.31 55.39 -47.11
N VAL D 190 19.17 54.83 -47.53
CA VAL D 190 18.09 54.45 -46.58
C VAL D 190 17.98 52.92 -46.39
N TYR D 191 18.10 52.50 -45.12
CA TYR D 191 18.00 51.11 -44.65
C TYR D 191 16.71 50.93 -43.88
N ALA D 192 16.00 49.86 -44.16
CA ALA D 192 14.75 49.60 -43.47
C ALA D 192 14.55 48.12 -43.27
N CYS D 193 14.17 47.72 -42.07
CA CYS D 193 13.79 46.34 -41.86
C CYS D 193 12.26 46.28 -41.77
N GLU D 194 11.68 45.24 -42.34
CA GLU D 194 10.23 45.13 -42.44
C GLU D 194 9.70 43.93 -41.70
N VAL D 195 8.75 44.17 -40.81
CA VAL D 195 8.33 43.15 -39.86
C VAL D 195 6.85 42.81 -40.01
N THR D 196 6.59 41.59 -40.45
CA THR D 196 5.21 41.15 -40.51
C THR D 196 5.01 40.29 -39.26
N HIS D 197 3.82 40.38 -38.67
CA HIS D 197 3.50 39.67 -37.43
C HIS D 197 1.98 39.73 -37.28
N GLN D 198 1.44 38.69 -36.67
CA GLN D 198 0.01 38.48 -36.61
C GLN D 198 -0.73 39.57 -35.82
N GLY D 199 -0.02 40.22 -34.92
CA GLY D 199 -0.64 41.18 -34.02
C GLY D 199 -0.87 42.54 -34.65
N LEU D 200 -0.16 42.80 -35.73
CA LEU D 200 -0.34 44.04 -36.47
C LEU D 200 -0.96 43.79 -37.84
N SER D 201 -1.79 44.72 -38.30
CA SER D 201 -2.60 44.56 -39.51
C SER D 201 -1.76 44.54 -40.79
N SER D 202 -1.06 45.66 -40.98
CA SER D 202 -0.12 45.82 -42.09
C SER D 202 1.27 45.54 -41.55
N PRO D 203 2.13 44.92 -42.37
CA PRO D 203 3.55 44.87 -41.99
C PRO D 203 4.11 46.26 -41.69
N VAL D 204 4.74 46.36 -40.52
CA VAL D 204 5.36 47.59 -40.04
C VAL D 204 6.82 47.71 -40.54
N THR D 205 7.21 48.93 -40.91
CA THR D 205 8.58 49.24 -41.30
C THR D 205 9.16 50.41 -40.49
N LYS D 206 10.35 50.20 -39.93
CA LYS D 206 11.15 51.27 -39.31
C LYS D 206 12.42 51.48 -40.17
N SER D 207 12.65 52.70 -40.67
CA SER D 207 13.74 52.95 -41.61
C SER D 207 14.69 54.04 -41.14
N PHE D 208 15.85 54.19 -41.79
CA PHE D 208 16.71 55.32 -41.46
C PHE D 208 17.58 55.84 -42.64
N ASN D 209 17.98 57.11 -42.51
CA ASN D 209 18.79 57.84 -43.49
C ASN D 209 20.23 57.99 -43.03
N ARG D 210 21.15 57.88 -43.98
CA ARG D 210 22.54 57.94 -43.59
C ARG D 210 23.11 59.39 -43.66
N VAL E 2 22.28 24.23 2.96
CA VAL E 2 22.79 23.42 1.84
C VAL E 2 23.12 24.20 0.54
N GLN E 3 24.41 24.29 0.24
CA GLN E 3 24.90 24.95 -0.97
C GLN E 3 25.92 24.06 -1.70
N LEU E 4 25.97 24.22 -3.02
CA LEU E 4 26.95 23.54 -3.86
C LEU E 4 27.57 24.55 -4.83
N LEU E 5 28.86 24.78 -4.68
CA LEU E 5 29.54 25.78 -5.50
C LEU E 5 30.62 25.15 -6.37
N GLU E 6 30.36 25.12 -7.67
CA GLU E 6 31.27 24.53 -8.63
C GLU E 6 32.30 25.56 -9.02
N THR E 7 33.44 25.10 -9.53
CA THR E 7 34.52 25.97 -9.96
C THR E 7 35.50 25.22 -10.84
N GLY E 8 36.31 25.95 -11.59
CA GLY E 8 37.36 25.33 -12.36
C GLY E 8 37.10 25.28 -13.86
N GLY E 9 35.95 25.78 -14.30
CA GLY E 9 35.64 25.74 -15.72
C GLY E 9 36.20 26.90 -16.54
N GLY E 10 36.11 26.76 -17.86
CA GLY E 10 36.59 27.78 -18.77
C GLY E 10 37.13 27.16 -20.05
N LEU E 11 37.80 27.96 -20.86
CA LEU E 11 38.35 27.46 -22.11
C LEU E 11 39.49 26.47 -21.88
N VAL E 12 39.44 25.35 -22.58
CA VAL E 12 40.53 24.39 -22.62
C VAL E 12 40.64 23.85 -24.06
N LYS E 13 41.87 23.62 -24.50
CA LYS E 13 42.13 23.18 -25.87
C LYS E 13 41.79 21.69 -26.04
N PRO E 14 41.40 21.26 -27.26
CA PRO E 14 41.16 19.82 -27.38
C PRO E 14 42.42 18.95 -27.12
N GLY E 15 42.20 17.87 -26.37
CA GLY E 15 43.30 17.05 -25.84
C GLY E 15 43.67 17.43 -24.41
N GLY E 16 43.42 18.69 -24.05
CA GLY E 16 43.81 19.21 -22.75
C GLY E 16 43.06 18.64 -21.57
N SER E 17 43.18 19.31 -20.42
CA SER E 17 42.61 18.80 -19.16
C SER E 17 41.93 19.89 -18.35
N LEU E 18 41.25 19.44 -17.29
CA LEU E 18 40.54 20.30 -16.35
C LEU E 18 40.22 19.52 -15.10
N ARG E 19 40.24 20.19 -13.96
CA ARG E 19 39.84 19.61 -12.68
C ARG E 19 38.70 20.43 -12.08
N LEU E 20 37.47 19.98 -12.23
CA LEU E 20 36.36 20.72 -11.61
C LEU E 20 36.33 20.48 -10.11
N SER E 21 35.82 21.43 -9.34
CA SER E 21 35.75 21.31 -7.89
C SER E 21 34.36 21.72 -7.41
N CYS E 22 33.83 20.99 -6.43
CA CYS E 22 32.52 21.28 -5.86
C CYS E 22 32.64 21.51 -4.37
N ALA E 23 32.40 22.74 -3.94
CA ALA E 23 32.49 23.09 -2.52
C ALA E 23 31.14 22.83 -1.88
N ALA E 24 31.11 21.97 -0.88
CA ALA E 24 29.83 21.64 -0.26
C ALA E 24 29.65 22.25 1.12
N SER E 25 28.41 22.66 1.40
CA SER E 25 28.04 23.18 2.70
C SER E 25 26.58 22.82 2.94
N GLY E 26 26.13 22.97 4.18
CA GLY E 26 24.77 22.64 4.60
C GLY E 26 24.53 21.17 4.89
N PHE E 27 25.56 20.35 4.64
CA PHE E 27 25.50 18.90 4.80
C PHE E 27 26.90 18.36 4.75
N SER E 28 27.03 17.04 4.75
CA SER E 28 28.34 16.41 4.64
C SER E 28 28.38 15.38 3.50
N LEU E 29 29.33 15.52 2.56
CA LEU E 29 29.51 14.54 1.47
C LEU E 29 29.92 13.19 2.05
N SER E 30 30.02 12.17 1.19
CA SER E 30 30.35 10.79 1.61
C SER E 30 29.29 10.20 2.55
N ASP E 31 28.25 10.98 2.82
CA ASP E 31 27.06 10.49 3.53
C ASP E 31 26.03 10.14 2.46
N TYR E 32 26.14 10.83 1.32
CA TYR E 32 25.20 10.72 0.23
C TYR E 32 25.93 10.21 -1.02
N TYR E 33 25.19 9.76 -2.03
CA TYR E 33 25.76 9.54 -3.37
C TYR E 33 26.05 10.86 -4.10
N MET E 34 27.27 11.06 -4.58
CA MET E 34 27.59 12.32 -5.26
C MET E 34 27.72 12.10 -6.77
N ASN E 35 27.29 13.08 -7.56
CA ASN E 35 27.21 12.93 -9.01
C ASN E 35 27.69 14.13 -9.81
N TRP E 36 27.99 13.87 -11.07
CA TRP E 36 28.20 14.97 -11.99
C TRP E 36 27.26 14.80 -13.18
N ILE E 37 26.54 15.86 -13.51
CA ILE E 37 25.62 15.84 -14.64
C ILE E 37 26.02 16.99 -15.56
N ARG E 38 26.04 16.76 -16.87
CA ARG E 38 26.40 17.83 -17.78
C ARG E 38 25.24 18.18 -18.67
N GLN E 39 25.31 19.37 -19.25
CA GLN E 39 24.26 19.85 -20.13
C GLN E 39 24.90 20.76 -21.18
N ALA E 40 25.01 20.28 -22.42
CA ALA E 40 25.58 21.11 -23.49
C ALA E 40 24.70 22.33 -23.67
N PRO E 41 25.23 23.41 -24.28
CA PRO E 41 24.37 24.58 -24.39
C PRO E 41 23.19 24.35 -25.32
N GLY E 42 22.00 24.61 -24.80
CA GLY E 42 20.73 24.40 -25.52
C GLY E 42 20.27 22.96 -25.71
N LYS E 43 21.09 22.01 -25.27
CA LYS E 43 20.74 20.60 -25.39
C LYS E 43 20.25 20.11 -24.02
N GLY E 44 19.97 18.81 -23.93
CA GLY E 44 19.50 18.22 -22.69
C GLY E 44 20.57 17.73 -21.71
N LEU E 45 20.09 17.04 -20.68
CA LEU E 45 20.93 16.58 -19.58
C LEU E 45 21.54 15.21 -19.85
N GLU E 46 22.74 15.00 -19.34
CA GLU E 46 23.44 13.74 -19.56
C GLU E 46 24.18 13.38 -18.28
N TRP E 47 23.94 12.20 -17.75
CA TRP E 47 24.67 11.78 -16.56
C TRP E 47 26.08 11.39 -16.95
N VAL E 48 27.09 11.85 -16.23
CA VAL E 48 28.44 11.50 -16.65
C VAL E 48 29.18 10.59 -15.64
N ALA E 49 28.90 10.72 -14.34
CA ALA E 49 29.58 9.87 -13.37
C ALA E 49 28.99 9.97 -11.98
N TYR E 50 29.12 8.90 -11.20
CA TYR E 50 28.89 8.98 -9.77
C TYR E 50 30.06 8.41 -8.95
N ILE E 51 30.15 8.91 -7.73
CA ILE E 51 30.96 8.32 -6.68
C ILE E 51 29.98 7.98 -5.56
N SER E 52 30.00 6.72 -5.15
CA SER E 52 29.02 6.21 -4.20
C SER E 52 29.03 7.03 -2.89
N SER E 53 28.24 6.53 -1.91
CA SER E 53 28.06 7.19 -0.61
C SER E 53 29.19 6.69 0.25
N SER E 54 29.01 6.66 1.57
CA SER E 54 30.05 6.10 2.43
C SER E 54 30.67 4.82 1.83
N SER E 55 31.96 4.92 1.46
CA SER E 55 32.86 3.87 0.90
C SER E 55 33.31 4.16 -0.54
N GLY E 56 32.69 5.13 -1.21
CA GLY E 56 33.26 5.67 -2.45
C GLY E 56 33.50 4.87 -3.74
N TYR E 57 32.61 3.97 -4.12
CA TYR E 57 32.74 3.27 -5.40
C TYR E 57 32.24 4.08 -6.59
N THR E 58 32.96 4.06 -7.71
CA THR E 58 32.61 4.95 -8.80
C THR E 58 32.05 4.18 -10.01
N ASN E 59 31.64 4.96 -11.00
CA ASN E 59 31.15 4.47 -12.29
C ASN E 59 30.87 5.64 -13.23
N TYR E 60 30.91 5.40 -14.54
CA TYR E 60 30.92 6.51 -15.48
C TYR E 60 29.95 6.32 -16.65
N GLY E 61 29.74 7.40 -17.40
CA GLY E 61 28.85 7.35 -18.53
C GLY E 61 29.64 6.73 -19.65
N ASP E 62 28.96 6.17 -20.63
CA ASP E 62 29.67 5.44 -21.67
C ASP E 62 30.64 6.29 -22.46
N SER E 63 30.26 7.55 -22.71
CA SER E 63 31.07 8.46 -23.53
C SER E 63 32.32 9.01 -22.81
N VAL E 64 32.38 8.89 -21.50
CA VAL E 64 33.50 9.50 -20.79
C VAL E 64 34.36 8.49 -20.04
N LYS E 65 34.06 7.20 -20.18
CA LYS E 65 34.74 6.15 -19.40
C LYS E 65 36.24 6.08 -19.79
N GLY E 66 37.08 6.00 -18.76
CA GLY E 66 38.52 5.88 -18.95
C GLY E 66 39.24 7.22 -19.09
N ARG E 67 38.49 8.27 -19.41
CA ARG E 67 39.06 9.62 -19.48
C ARG E 67 38.75 10.44 -18.21
N PHE E 68 37.51 10.38 -17.72
CA PHE E 68 37.12 11.13 -16.52
C PHE E 68 37.34 10.31 -15.25
N THR E 69 37.49 10.99 -14.12
CA THR E 69 37.71 10.35 -12.81
C THR E 69 37.12 11.14 -11.63
N ILE E 70 36.09 10.61 -10.99
CA ILE E 70 35.40 11.35 -9.94
C ILE E 70 35.98 11.03 -8.55
N SER E 71 36.37 12.07 -7.83
CA SER E 71 37.10 11.93 -6.56
C SER E 71 36.44 12.79 -5.48
N ARG E 72 37.01 12.81 -4.26
CA ARG E 72 36.43 13.59 -3.17
C ARG E 72 37.30 13.65 -1.87
N ASP E 73 37.05 14.67 -1.05
CA ASP E 73 37.87 14.96 0.14
C ASP E 73 36.99 15.35 1.34
N HIS E 74 37.23 14.69 2.47
CA HIS E 74 36.40 14.84 3.67
C HIS E 74 36.47 16.22 4.33
N ALA E 75 37.68 16.78 4.45
CA ALA E 75 37.82 18.19 4.81
C ALA E 75 37.72 18.98 3.50
N LYS E 76 37.57 20.31 3.59
CA LYS E 76 37.23 21.17 2.44
C LYS E 76 35.86 20.83 1.78
N ASN E 77 35.19 19.78 2.27
CA ASN E 77 33.91 19.22 1.76
C ASN E 77 33.81 19.34 0.23
N SER E 78 34.78 18.75 -0.47
CA SER E 78 34.91 18.99 -1.90
C SER E 78 34.84 17.73 -2.74
N LEU E 79 34.41 17.93 -3.99
CA LEU E 79 34.18 16.88 -4.96
C LEU E 79 34.87 17.26 -6.26
N TYR E 80 35.55 16.30 -6.85
CA TYR E 80 36.37 16.63 -7.99
C TYR E 80 35.96 15.80 -9.23
N LEU E 81 36.16 16.38 -10.40
CA LEU E 81 36.01 15.67 -11.65
C LEU E 81 37.21 16.02 -12.52
N GLN E 82 38.04 15.02 -12.79
CA GLN E 82 39.24 15.20 -13.58
C GLN E 82 39.00 14.77 -15.01
N MET E 83 39.03 15.75 -15.92
CA MET E 83 38.74 15.49 -17.32
C MET E 83 40.01 15.55 -18.17
N ASN E 84 40.47 14.38 -18.62
CA ASN E 84 41.65 14.29 -19.48
C ASN E 84 41.28 13.89 -20.90
N SER E 85 42.20 14.16 -21.81
CA SER E 85 41.95 14.00 -23.23
C SER E 85 40.60 14.60 -23.65
N LEU E 86 40.40 15.88 -23.37
CA LEU E 86 39.10 16.51 -23.56
C LEU E 86 38.76 16.70 -25.04
N ARG E 87 37.50 16.42 -25.38
CA ARG E 87 37.07 16.46 -26.77
C ARG E 87 36.18 17.69 -26.99
N VAL E 88 36.15 18.18 -28.22
CA VAL E 88 35.22 19.24 -28.63
C VAL E 88 33.81 19.02 -28.12
N GLU E 89 33.37 17.77 -28.24
CA GLU E 89 32.01 17.32 -27.92
C GLU E 89 31.69 17.35 -26.44
N ASP E 90 32.70 17.53 -25.60
CA ASP E 90 32.55 17.64 -24.15
C ASP E 90 32.15 19.05 -23.72
N THR E 91 32.00 19.97 -24.68
CA THR E 91 31.69 21.37 -24.33
C THR E 91 30.34 21.44 -23.66
N ALA E 92 30.33 21.75 -22.37
CA ALA E 92 29.07 21.76 -21.61
C ALA E 92 29.18 22.40 -20.21
N VAL E 93 28.03 22.70 -19.61
CA VAL E 93 27.98 23.11 -18.20
C VAL E 93 27.86 21.91 -17.30
N TYR E 94 28.78 21.79 -16.33
CA TYR E 94 28.83 20.62 -15.47
C TYR E 94 28.25 20.87 -14.09
N TYR E 95 27.16 20.17 -13.77
CA TYR E 95 26.43 20.35 -12.51
C TYR E 95 26.92 19.35 -11.48
N CYS E 96 27.23 19.83 -10.29
CA CYS E 96 27.63 18.97 -9.19
C CYS E 96 26.38 18.66 -8.41
N VAL E 97 25.99 17.39 -8.38
CA VAL E 97 24.67 17.04 -7.91
C VAL E 97 24.69 15.99 -6.82
N ARG E 98 23.81 16.12 -5.84
CA ARG E 98 23.82 15.16 -4.74
C ARG E 98 22.49 14.41 -4.52
N ASP E 99 22.65 13.19 -4.03
CA ASP E 99 21.57 12.26 -3.77
C ASP E 99 20.61 12.80 -2.71
N ARG E 100 19.32 12.50 -2.84
CA ARG E 100 18.33 13.13 -1.98
C ARG E 100 18.38 12.69 -0.51
N ASP E 101 19.09 11.60 -0.21
CA ASP E 101 19.02 10.99 1.14
C ASP E 101 20.29 10.24 1.54
N ASP E 102 20.41 10.00 2.85
CA ASP E 102 21.47 9.15 3.45
C ASP E 102 21.60 7.83 2.72
N PHE E 103 20.46 7.15 2.62
CA PHE E 103 20.31 5.91 1.86
C PHE E 103 20.30 6.18 0.34
N TRP E 104 20.38 5.11 -0.48
CA TRP E 104 20.45 5.22 -1.95
C TRP E 104 19.18 5.80 -2.55
N SER E 105 19.33 6.73 -3.50
CA SER E 105 18.17 7.44 -4.00
C SER E 105 18.03 7.28 -5.50
N GLY E 106 18.94 7.86 -6.26
CA GLY E 106 18.88 7.77 -7.70
C GLY E 106 18.60 9.12 -8.34
N TYR E 107 17.75 9.92 -7.69
CA TYR E 107 17.38 11.27 -8.12
C TYR E 107 18.02 12.32 -7.21
N TYR E 108 17.80 13.60 -7.49
CA TYR E 108 18.51 14.68 -6.77
C TYR E 108 17.68 15.92 -6.45
N LYS E 109 17.65 16.35 -5.19
CA LYS E 109 17.04 17.64 -4.91
C LYS E 109 18.05 18.77 -5.13
N HIS E 110 19.29 18.54 -4.71
CA HIS E 110 20.30 19.60 -4.57
C HIS E 110 21.31 19.73 -5.72
N TRP E 111 21.24 20.80 -6.49
CA TRP E 111 22.22 21.05 -7.55
C TRP E 111 23.01 22.34 -7.29
N GLY E 112 24.18 22.48 -7.89
CA GLY E 112 24.89 23.75 -7.87
C GLY E 112 24.51 24.54 -9.11
N LEU E 113 24.95 25.79 -9.23
CA LEU E 113 24.62 26.56 -10.44
C LEU E 113 25.34 25.95 -11.65
N GLY E 114 26.41 25.22 -11.39
CA GLY E 114 27.12 24.60 -12.50
C GLY E 114 28.39 25.35 -12.80
N THR E 115 29.17 24.84 -13.74
CA THR E 115 30.32 25.60 -14.20
C THR E 115 30.54 25.29 -15.66
N LEU E 116 30.78 26.32 -16.47
CA LEU E 116 30.84 26.12 -17.91
C LEU E 116 32.26 25.72 -18.32
N VAL E 117 32.32 24.71 -19.18
CA VAL E 117 33.57 24.19 -19.69
C VAL E 117 33.53 24.26 -21.20
N THR E 118 34.27 25.19 -21.79
CA THR E 118 34.36 25.22 -23.23
C THR E 118 35.53 24.41 -23.70
N VAL E 119 35.34 23.65 -24.77
CA VAL E 119 36.42 22.87 -25.30
C VAL E 119 36.43 23.15 -26.79
N SER E 120 37.49 23.80 -27.22
CA SER E 120 37.65 24.10 -28.62
C SER E 120 39.05 24.57 -28.80
N SER E 121 39.50 24.56 -30.04
CA SER E 121 40.77 25.19 -30.38
C SER E 121 40.66 26.67 -30.02
N ALA E 122 40.19 27.48 -30.97
CA ALA E 122 39.89 28.88 -30.71
C ALA E 122 41.03 29.54 -29.96
N SER E 123 40.69 30.52 -29.13
CA SER E 123 41.59 31.30 -28.25
C SER E 123 40.74 32.41 -27.66
N THR E 124 41.11 32.82 -26.46
CA THR E 124 40.27 33.77 -25.74
C THR E 124 40.32 35.09 -26.48
N LYS E 125 39.27 35.89 -26.34
CA LYS E 125 39.15 37.12 -27.14
C LYS E 125 38.09 38.08 -26.56
N GLY E 126 38.57 39.19 -25.98
CA GLY E 126 37.69 40.23 -25.45
C GLY E 126 36.76 40.91 -26.45
N PRO E 127 35.56 41.34 -25.98
CA PRO E 127 34.48 41.97 -26.75
C PRO E 127 34.62 43.47 -26.97
N SER E 128 34.24 43.97 -28.14
CA SER E 128 34.10 45.41 -28.38
C SER E 128 32.68 45.83 -28.06
N VAL E 129 32.50 46.99 -27.45
CA VAL E 129 31.15 47.38 -27.04
C VAL E 129 30.74 48.68 -27.69
N PHE E 130 29.93 48.56 -28.73
CA PHE E 130 29.41 49.71 -29.46
C PHE E 130 28.03 50.12 -28.98
N PRO E 131 27.67 51.39 -29.20
CA PRO E 131 26.34 51.74 -28.73
C PRO E 131 25.27 51.47 -29.74
N LEU E 132 24.08 51.08 -29.31
CA LEU E 132 22.95 51.09 -30.21
C LEU E 132 22.15 52.28 -29.78
N ALA E 133 22.57 53.46 -30.21
CA ALA E 133 22.04 54.70 -29.67
C ALA E 133 20.63 54.90 -30.12
N PRO E 134 19.81 55.52 -29.27
CA PRO E 134 18.40 55.66 -29.62
C PRO E 134 18.22 56.62 -30.76
N SER E 135 17.07 57.27 -30.76
CA SER E 135 16.81 58.32 -31.74
C SER E 135 16.17 59.47 -30.99
N SER E 136 16.45 60.70 -31.43
CA SER E 136 15.76 61.87 -30.89
C SER E 136 14.27 61.82 -31.27
N LYS E 137 13.99 61.04 -32.33
CA LYS E 137 12.65 60.78 -32.86
C LYS E 137 11.65 60.19 -31.86
N SER E 138 12.17 59.71 -30.73
CA SER E 138 11.42 58.99 -29.70
C SER E 138 10.01 59.49 -29.33
N THR E 139 9.13 58.51 -29.09
CA THR E 139 7.76 58.74 -28.61
C THR E 139 7.74 59.73 -27.42
N SER E 140 7.68 61.04 -27.70
CA SER E 140 7.59 62.07 -26.65
C SER E 140 6.33 61.90 -25.77
N GLY E 141 6.51 61.34 -24.57
CA GLY E 141 5.40 60.85 -23.76
C GLY E 141 5.11 59.44 -24.24
N GLY E 142 6.14 58.60 -24.22
CA GLY E 142 6.04 57.24 -24.73
C GLY E 142 7.38 56.55 -24.59
N THR E 143 7.48 55.34 -25.13
CA THR E 143 8.69 54.54 -24.93
C THR E 143 9.79 54.86 -25.95
N ALA E 144 11.02 54.95 -25.46
CA ALA E 144 12.22 55.07 -26.27
C ALA E 144 13.10 53.85 -25.99
N ALA E 145 14.10 53.61 -26.83
CA ALA E 145 14.93 52.43 -26.65
C ALA E 145 16.37 52.63 -27.03
N LEU E 146 17.28 52.02 -26.26
CA LEU E 146 18.71 52.08 -26.51
C LEU E 146 19.34 50.76 -26.15
N GLY E 147 20.64 50.64 -26.34
CA GLY E 147 21.33 49.43 -25.93
C GLY E 147 22.79 49.31 -26.28
N CYS E 148 23.37 48.19 -25.87
CA CYS E 148 24.77 47.89 -26.17
C CYS E 148 24.80 46.85 -27.29
N LEU E 149 25.82 46.88 -28.11
CA LEU E 149 26.08 45.74 -28.95
C LEU E 149 27.46 45.25 -28.56
N VAL E 150 27.51 44.02 -28.07
CA VAL E 150 28.76 43.43 -27.60
C VAL E 150 29.23 42.44 -28.65
N LYS E 151 30.10 42.87 -29.54
CA LYS E 151 30.45 42.08 -30.72
C LYS E 151 31.81 41.41 -30.60
N ASP E 152 31.94 40.25 -31.24
CA ASP E 152 33.23 39.56 -31.37
C ASP E 152 33.90 39.21 -30.04
N TYR E 153 33.48 38.12 -29.38
CA TYR E 153 34.22 37.63 -28.20
C TYR E 153 34.18 36.11 -28.03
N PHE E 154 35.07 35.59 -27.20
CA PHE E 154 35.17 34.15 -26.94
C PHE E 154 36.02 33.91 -25.68
N PRO E 155 35.61 32.94 -24.82
CA PRO E 155 34.39 32.15 -24.98
C PRO E 155 33.19 32.84 -24.39
N GLU E 156 32.06 32.13 -24.33
CA GLU E 156 30.99 32.49 -23.43
C GLU E 156 31.50 32.27 -22.02
N PRO E 157 30.86 32.88 -21.02
CA PRO E 157 29.70 33.77 -21.09
C PRO E 157 30.10 35.23 -20.93
N VAL E 158 29.21 36.09 -21.38
CA VAL E 158 29.34 37.51 -21.09
C VAL E 158 28.08 37.92 -20.38
N THR E 159 28.26 38.56 -19.23
CA THR E 159 27.13 39.07 -18.48
C THR E 159 27.10 40.58 -18.59
N VAL E 160 25.94 41.06 -19.01
CA VAL E 160 25.70 42.46 -19.21
C VAL E 160 24.65 42.94 -18.25
N SER E 161 25.03 43.89 -17.43
CA SER E 161 24.09 44.48 -16.48
CA SER E 161 24.11 44.47 -16.45
C SER E 161 24.06 45.99 -16.63
N TRP E 162 22.97 46.63 -16.22
CA TRP E 162 22.80 48.08 -16.40
C TRP E 162 22.80 48.86 -15.08
N ASN E 163 23.61 49.91 -15.01
CA ASN E 163 23.70 50.73 -13.81
C ASN E 163 24.06 49.96 -12.52
N SER E 164 25.07 49.10 -12.62
CA SER E 164 25.50 48.23 -11.51
C SER E 164 24.38 47.29 -10.97
N GLY E 165 23.49 46.88 -11.88
CA GLY E 165 22.42 45.92 -11.59
C GLY E 165 21.16 46.63 -11.15
N ALA E 166 21.28 47.95 -10.94
CA ALA E 166 20.25 48.82 -10.38
C ALA E 166 19.09 49.15 -11.30
N LEU E 167 19.23 48.85 -12.58
CA LEU E 167 18.12 48.95 -13.52
C LEU E 167 17.80 47.58 -14.13
N THR E 168 16.72 46.93 -13.69
CA THR E 168 16.40 45.58 -14.17
C THR E 168 15.19 45.57 -15.12
N SER E 169 14.23 46.47 -14.89
CA SER E 169 12.97 46.48 -15.66
C SER E 169 13.01 47.18 -17.04
N GLY E 170 12.59 46.47 -18.08
CA GLY E 170 12.59 46.99 -19.45
C GLY E 170 13.80 46.48 -20.22
N VAL E 171 14.73 45.88 -19.48
CA VAL E 171 15.96 45.33 -20.04
C VAL E 171 15.69 44.00 -20.71
N HIS E 172 16.28 43.81 -21.88
CA HIS E 172 16.37 42.51 -22.52
C HIS E 172 17.81 42.23 -22.96
N THR E 173 18.41 41.15 -22.47
CA THR E 173 19.72 40.68 -22.96
C THR E 173 19.54 39.41 -23.76
N PHE E 174 19.98 39.42 -25.00
CA PHE E 174 19.67 38.32 -25.90
C PHE E 174 20.68 37.18 -25.80
N PRO E 175 20.25 35.96 -26.19
CA PRO E 175 21.19 34.88 -26.42
C PRO E 175 22.32 35.35 -27.31
N ALA E 176 23.52 34.83 -27.09
CA ALA E 176 24.62 35.05 -28.00
C ALA E 176 24.30 34.34 -29.33
N VAL E 177 24.82 34.87 -30.43
CA VAL E 177 24.76 34.15 -31.69
C VAL E 177 26.19 33.79 -32.08
N LEU E 178 26.38 32.77 -32.91
CA LEU E 178 27.73 32.48 -33.36
C LEU E 178 27.83 32.94 -34.82
N GLN E 179 28.61 34.00 -35.03
CA GLN E 179 28.79 34.57 -36.36
C GLN E 179 29.68 33.66 -37.20
N SER E 180 29.77 33.93 -38.51
CA SER E 180 30.52 33.04 -39.38
C SER E 180 32.02 33.04 -38.99
N SER E 181 32.43 34.12 -38.31
CA SER E 181 33.81 34.33 -37.84
C SER E 181 34.27 33.26 -36.84
N GLY E 182 33.34 32.78 -36.03
CA GLY E 182 33.64 31.82 -34.98
C GLY E 182 33.60 32.43 -33.59
N LEU E 183 33.28 33.72 -33.52
CA LEU E 183 33.20 34.43 -32.25
C LEU E 183 31.74 34.70 -31.92
N TYR E 184 31.47 34.95 -30.65
CA TYR E 184 30.11 35.20 -30.18
C TYR E 184 29.78 36.67 -30.27
N SER E 185 28.49 36.97 -30.37
CA SER E 185 28.03 38.36 -30.36
C SER E 185 26.62 38.42 -29.79
N LEU E 186 26.41 39.33 -28.84
CA LEU E 186 25.07 39.48 -28.27
C LEU E 186 24.72 40.95 -28.17
N SER E 187 23.45 41.24 -28.03
CA SER E 187 22.98 42.61 -27.94
CA SER E 187 22.98 42.62 -27.94
C SER E 187 22.11 42.79 -26.70
N SER E 188 22.19 43.96 -26.08
CA SER E 188 21.42 44.21 -24.87
C SER E 188 20.73 45.54 -25.03
N VAL E 189 19.41 45.54 -24.89
CA VAL E 189 18.64 46.77 -25.04
C VAL E 189 17.80 47.02 -23.81
N VAL E 190 17.22 48.20 -23.74
CA VAL E 190 16.29 48.53 -22.67
C VAL E 190 15.33 49.65 -23.13
N THR E 191 14.05 49.45 -22.91
CA THR E 191 13.07 50.50 -23.17
C THR E 191 12.94 51.30 -21.91
N VAL E 192 12.83 52.61 -22.08
CA VAL E 192 12.78 53.53 -20.95
C VAL E 192 11.77 54.60 -21.25
N PRO E 193 11.15 55.16 -20.19
CA PRO E 193 10.43 56.40 -20.49
C PRO E 193 11.42 57.43 -21.09
N SER E 194 11.01 58.14 -22.15
CA SER E 194 11.91 59.10 -22.81
C SER E 194 11.89 60.50 -22.17
N SER E 195 11.01 60.70 -21.20
CA SER E 195 11.08 61.87 -20.31
C SER E 195 12.41 61.86 -19.55
N SER E 196 12.86 60.65 -19.20
CA SER E 196 14.03 60.43 -18.34
C SER E 196 15.32 60.29 -19.17
N LEU E 197 15.26 60.67 -20.44
CA LEU E 197 16.42 60.60 -21.33
C LEU E 197 17.53 61.55 -20.90
N GLY E 198 17.20 62.83 -20.88
CA GLY E 198 18.14 63.89 -20.55
C GLY E 198 18.42 63.98 -19.06
N THR E 199 17.74 63.15 -18.27
CA THR E 199 17.81 63.28 -16.83
C THR E 199 18.42 62.06 -16.11
N GLN E 200 18.52 60.92 -16.82
CA GLN E 200 19.14 59.70 -16.26
C GLN E 200 20.31 59.21 -17.11
N THR E 201 21.25 58.59 -16.42
CA THR E 201 22.45 58.04 -17.01
C THR E 201 22.26 56.56 -17.31
N TYR E 202 22.45 56.23 -18.58
CA TYR E 202 22.33 54.85 -18.99
C TYR E 202 23.75 54.32 -19.23
N ILE E 203 24.16 53.38 -18.39
CA ILE E 203 25.47 52.76 -18.50
C ILE E 203 25.34 51.25 -18.42
N CYS E 204 25.89 50.55 -19.40
CA CYS E 204 25.87 49.09 -19.38
C CYS E 204 27.17 48.48 -18.84
N ASN E 205 27.02 47.54 -17.90
CA ASN E 205 28.18 46.88 -17.31
C ASN E 205 28.42 45.60 -18.08
N VAL E 206 29.44 45.63 -18.93
CA VAL E 206 29.74 44.46 -19.70
C VAL E 206 30.89 43.76 -19.03
N ASN E 207 30.83 42.43 -19.01
CA ASN E 207 31.84 41.66 -18.33
C ASN E 207 32.20 40.37 -19.04
N HIS E 208 33.49 40.22 -19.29
CA HIS E 208 33.99 39.00 -19.88
C HIS E 208 35.11 38.41 -19.04
N LYS E 209 34.73 37.79 -17.91
CA LYS E 209 35.68 37.10 -17.05
C LYS E 209 36.66 36.19 -17.77
N PRO E 210 36.20 35.40 -18.76
CA PRO E 210 37.16 34.51 -19.41
C PRO E 210 38.35 35.22 -20.03
N SER E 211 38.22 36.54 -20.19
CA SER E 211 39.31 37.37 -20.73
C SER E 211 39.62 38.55 -19.82
N ASN E 212 38.86 38.65 -18.72
CA ASN E 212 39.06 39.72 -17.75
C ASN E 212 38.91 41.11 -18.37
N THR E 213 37.87 41.26 -19.19
CA THR E 213 37.46 42.55 -19.73
C THR E 213 36.29 43.10 -18.91
N LYS E 214 36.50 44.16 -18.15
CA LYS E 214 35.36 44.84 -17.56
C LYS E 214 35.15 46.16 -18.26
N VAL E 215 33.97 46.33 -18.82
CA VAL E 215 33.59 47.56 -19.48
C VAL E 215 32.24 48.07 -19.06
N ASP E 216 32.24 49.25 -18.44
CA ASP E 216 31.02 50.03 -18.19
C ASP E 216 30.97 51.10 -19.30
N LYS E 217 29.87 51.11 -20.06
CA LYS E 217 29.74 51.98 -21.26
C LYS E 217 28.53 52.89 -21.19
N LYS E 218 28.76 54.19 -21.38
CA LYS E 218 27.69 55.21 -21.39
C LYS E 218 27.07 55.32 -22.76
N VAL E 219 25.79 55.02 -22.86
CA VAL E 219 25.07 55.14 -24.11
C VAL E 219 24.10 56.29 -24.00
N GLU E 220 24.25 57.26 -24.87
CA GLU E 220 23.38 58.42 -24.78
C GLU E 220 23.04 58.87 -26.21
N PRO E 221 21.97 59.66 -26.34
CA PRO E 221 21.53 60.21 -27.63
C PRO E 221 22.63 61.02 -28.29
N LYS E 222 22.75 60.91 -29.61
CA LYS E 222 23.83 61.57 -30.34
C LYS E 222 23.68 63.08 -30.54
N VAL F 15 1.91 -29.32 -30.04
CA VAL F 15 1.85 -27.95 -29.56
C VAL F 15 3.03 -27.58 -28.63
N GLU F 16 4.23 -27.70 -29.17
CA GLU F 16 5.51 -27.46 -28.48
C GLU F 16 5.53 -26.38 -27.37
N CYS F 17 6.11 -26.73 -26.23
CA CYS F 17 6.24 -25.81 -25.13
C CYS F 17 7.24 -24.75 -25.53
N ASP F 18 6.89 -23.49 -25.35
CA ASP F 18 7.78 -22.41 -25.76
C ASP F 18 8.78 -22.03 -24.71
N PHE F 19 10.00 -22.49 -24.95
CA PHE F 19 11.12 -22.19 -24.09
C PHE F 19 11.89 -20.98 -24.64
N SER F 20 11.73 -20.69 -25.93
CA SER F 20 12.38 -19.55 -26.62
C SER F 20 12.46 -18.20 -25.89
N PRO F 21 11.41 -17.77 -25.14
CA PRO F 21 11.55 -16.45 -24.51
C PRO F 21 12.67 -16.38 -23.45
N LEU F 22 13.19 -17.55 -23.12
CA LEU F 22 14.30 -17.67 -22.22
C LEU F 22 15.58 -17.38 -23.00
N LEU F 23 15.60 -17.79 -24.27
CA LEU F 23 16.78 -17.67 -25.12
C LEU F 23 16.98 -16.26 -25.68
N SER F 24 16.08 -15.35 -25.31
CA SER F 24 16.07 -14.00 -25.87
C SER F 24 15.97 -12.91 -24.80
N GLY F 25 17.04 -12.14 -24.63
CA GLY F 25 17.00 -11.04 -23.70
C GLY F 25 17.94 -11.23 -22.53
N THR F 26 17.97 -10.22 -21.65
CA THR F 26 18.67 -10.28 -20.36
C THR F 26 17.88 -11.02 -19.25
N PRO F 27 18.38 -12.16 -18.78
CA PRO F 27 17.69 -12.80 -17.63
C PRO F 27 17.75 -11.89 -16.39
N PRO F 28 16.67 -11.87 -15.60
CA PRO F 28 16.60 -11.02 -14.41
C PRO F 28 17.56 -11.51 -13.32
N GLN F 29 17.66 -10.75 -12.23
CA GLN F 29 18.35 -11.19 -11.04
C GLN F 29 17.48 -12.18 -10.27
N VAL F 30 18.05 -12.87 -9.28
CA VAL F 30 17.35 -14.01 -8.69
C VAL F 30 16.08 -13.55 -8.02
N TYR F 31 16.06 -12.31 -7.54
CA TYR F 31 14.96 -11.84 -6.75
C TYR F 31 13.85 -11.30 -7.62
N ASN F 32 14.11 -11.21 -8.92
CA ASN F 32 13.06 -10.90 -9.91
C ASN F 32 12.88 -12.04 -10.89
N PHE F 33 13.06 -13.26 -10.39
CA PHE F 33 13.04 -14.48 -11.19
C PHE F 33 11.86 -14.46 -12.18
N LYS F 34 12.14 -14.84 -13.40
CA LYS F 34 11.15 -14.79 -14.46
C LYS F 34 10.43 -16.13 -14.49
N ARG F 35 9.10 -16.10 -14.64
CA ARG F 35 8.30 -17.31 -14.50
C ARG F 35 7.71 -17.76 -15.84
N LEU F 36 7.97 -19.00 -16.23
CA LEU F 36 7.33 -19.57 -17.41
C LEU F 36 6.44 -20.73 -16.98
N VAL F 37 5.16 -20.65 -17.28
CA VAL F 37 4.22 -21.68 -16.86
C VAL F 37 3.59 -22.44 -18.00
N PHE F 38 3.95 -23.71 -18.14
CA PHE F 38 3.46 -24.52 -19.25
C PHE F 38 2.39 -25.46 -18.77
N THR F 39 1.42 -25.75 -19.63
CA THR F 39 0.17 -26.26 -19.09
C THR F 39 -0.60 -27.21 -20.01
N ASN F 40 -0.28 -27.24 -21.29
CA ASN F 40 -0.86 -28.26 -22.17
C ASN F 40 -0.02 -28.39 -23.43
N CYS F 41 1.10 -29.10 -23.37
CA CYS F 41 2.02 -29.09 -24.50
C CYS F 41 3.03 -30.20 -24.45
N ASN F 42 3.87 -30.28 -25.46
CA ASN F 42 4.92 -31.28 -25.52
C ASN F 42 6.28 -30.63 -25.37
N TYR F 43 7.13 -31.23 -24.55
CA TYR F 43 8.40 -30.61 -24.22
C TYR F 43 9.57 -31.51 -24.56
N ASN F 44 10.69 -30.90 -24.89
CA ASN F 44 11.95 -31.62 -24.95
C ASN F 44 12.95 -30.86 -24.11
N LEU F 45 12.81 -31.03 -22.80
CA LEU F 45 13.72 -30.45 -21.82
C LEU F 45 15.17 -30.74 -22.12
N THR F 46 15.45 -32.00 -22.43
CA THR F 46 16.83 -32.43 -22.64
C THR F 46 17.45 -31.74 -23.87
N LYS F 47 16.61 -31.08 -24.67
CA LYS F 47 17.05 -30.29 -25.82
C LYS F 47 17.40 -28.86 -25.41
N LEU F 48 16.54 -28.22 -24.62
CA LEU F 48 16.84 -26.90 -24.04
C LEU F 48 18.14 -26.92 -23.24
N LEU F 49 18.28 -27.91 -22.37
CA LEU F 49 19.48 -28.03 -21.53
C LEU F 49 20.77 -28.27 -22.35
N SER F 50 20.58 -28.64 -23.62
CA SER F 50 21.68 -29.00 -24.51
C SER F 50 22.16 -27.78 -25.28
N LEU F 51 21.53 -26.64 -25.03
CA LEU F 51 21.97 -25.36 -25.57
C LEU F 51 22.88 -24.66 -24.57
N PHE F 52 23.01 -25.27 -23.39
CA PHE F 52 23.74 -24.73 -22.25
C PHE F 52 24.87 -25.64 -21.77
N SER F 53 25.72 -25.11 -20.90
CA SER F 53 26.70 -25.91 -20.17
C SER F 53 26.21 -26.18 -18.73
N VAL F 54 25.52 -27.31 -18.51
CA VAL F 54 24.98 -27.61 -17.17
C VAL F 54 26.02 -28.00 -16.12
N ASN F 55 26.15 -27.20 -15.07
CA ASN F 55 27.15 -27.46 -14.02
C ASN F 55 26.63 -28.30 -12.84
N ASP F 56 25.51 -27.90 -12.24
CA ASP F 56 24.81 -28.75 -11.28
C ASP F 56 23.39 -28.89 -11.75
N PHE F 57 22.81 -30.04 -11.46
CA PHE F 57 21.46 -30.35 -11.88
C PHE F 57 20.91 -31.16 -10.73
N THR F 58 20.27 -30.49 -9.77
CA THR F 58 19.84 -31.14 -8.53
C THR F 58 18.32 -31.16 -8.35
N CYS F 59 17.81 -32.31 -7.96
CA CYS F 59 16.38 -32.48 -7.74
C CYS F 59 15.96 -32.88 -6.32
N SER F 60 14.65 -33.04 -6.16
CA SER F 60 14.01 -33.15 -4.88
C SER F 60 12.62 -33.73 -5.11
N GLN F 61 12.44 -34.99 -4.70
CA GLN F 61 11.24 -35.80 -4.98
C GLN F 61 11.10 -36.23 -6.43
N ILE F 62 12.19 -36.11 -7.19
CA ILE F 62 12.24 -36.55 -8.57
C ILE F 62 13.71 -36.66 -8.96
N SER F 63 14.00 -37.14 -10.16
CA SER F 63 15.40 -37.26 -10.59
C SER F 63 15.49 -36.65 -11.98
N PRO F 64 16.65 -36.06 -12.30
CA PRO F 64 16.96 -35.49 -13.61
C PRO F 64 16.43 -36.35 -14.75
N ALA F 65 16.56 -37.67 -14.61
CA ALA F 65 16.04 -38.57 -15.62
C ALA F 65 14.52 -38.48 -15.66
N ALA F 66 13.86 -38.68 -14.52
CA ALA F 66 12.41 -38.61 -14.46
C ALA F 66 11.82 -37.25 -14.86
N ILE F 67 12.49 -36.15 -14.50
CA ILE F 67 11.93 -34.82 -14.80
C ILE F 67 11.76 -34.65 -16.30
N ALA F 68 12.65 -35.26 -17.07
CA ALA F 68 12.60 -35.17 -18.51
C ALA F 68 11.57 -36.16 -19.11
N SER F 69 11.33 -37.26 -18.39
CA SER F 69 10.45 -38.34 -18.88
C SER F 69 8.94 -38.18 -18.61
N ASN F 70 8.57 -37.83 -17.38
CA ASN F 70 7.18 -37.88 -16.95
C ASN F 70 6.23 -36.84 -17.55
N CYS F 71 4.93 -37.09 -17.36
CA CYS F 71 3.84 -36.24 -17.83
C CYS F 71 3.17 -35.55 -16.66
N TYR F 72 3.07 -34.23 -16.75
CA TYR F 72 2.60 -33.44 -15.62
C TYR F 72 1.34 -32.70 -15.98
N SER F 73 0.55 -32.35 -14.96
CA SER F 73 -0.56 -31.46 -15.15
C SER F 73 -0.04 -30.05 -15.38
N SER F 74 1.11 -29.76 -14.79
CA SER F 74 1.71 -28.43 -14.74
C SER F 74 3.24 -28.45 -14.77
N LEU F 75 3.87 -27.46 -15.41
CA LEU F 75 5.33 -27.33 -15.33
C LEU F 75 5.75 -25.86 -15.22
N ILE F 76 6.45 -25.51 -14.15
CA ILE F 76 6.91 -24.17 -13.90
C ILE F 76 8.38 -24.11 -14.17
N LEU F 77 8.82 -23.13 -14.96
CA LEU F 77 10.24 -22.89 -15.14
C LEU F 77 10.63 -21.48 -14.70
N ASP F 78 11.33 -21.39 -13.59
CA ASP F 78 11.82 -20.12 -13.10
C ASP F 78 13.23 -19.99 -13.63
N TYR F 79 13.62 -18.81 -14.07
CA TYR F 79 15.01 -18.62 -14.47
C TYR F 79 15.51 -17.25 -14.13
N PHE F 80 16.82 -17.14 -14.01
CA PHE F 80 17.45 -15.92 -13.58
C PHE F 80 18.96 -16.03 -13.78
N SER F 81 19.61 -14.88 -13.82
CA SER F 81 21.06 -14.84 -13.73
C SER F 81 21.49 -15.24 -12.33
N TYR F 82 22.52 -16.08 -12.25
CA TYR F 82 22.99 -16.58 -10.96
C TYR F 82 24.41 -17.12 -11.10
N PRO F 83 25.34 -16.65 -10.25
CA PRO F 83 26.76 -17.01 -10.35
C PRO F 83 27.10 -18.34 -9.69
N LEU F 84 27.78 -19.20 -10.45
CA LEU F 84 28.22 -20.51 -9.99
C LEU F 84 28.88 -20.48 -8.61
N SER F 85 29.60 -19.40 -8.34
CA SER F 85 30.32 -19.21 -7.08
C SER F 85 29.42 -19.24 -5.81
N MET F 86 28.11 -19.01 -5.99
CA MET F 86 27.15 -19.10 -4.88
C MET F 86 26.31 -20.39 -4.95
N LYS F 87 26.88 -21.50 -5.44
CA LYS F 87 26.09 -22.73 -5.65
C LYS F 87 25.36 -23.18 -4.40
N SER F 88 26.08 -23.18 -3.28
CA SER F 88 25.60 -23.64 -1.99
C SER F 88 24.39 -22.86 -1.43
N ASP F 89 24.20 -21.64 -1.92
CA ASP F 89 23.08 -20.81 -1.46
C ASP F 89 21.78 -21.11 -2.20
N LEU F 90 21.90 -21.82 -3.31
CA LEU F 90 20.74 -22.17 -4.10
C LEU F 90 20.52 -23.68 -4.05
N SER F 91 19.82 -24.11 -3.00
CA SER F 91 19.37 -25.48 -2.86
C SER F 91 18.21 -25.53 -1.88
N VAL F 92 17.44 -26.61 -1.93
CA VAL F 92 16.30 -26.81 -1.03
C VAL F 92 16.67 -26.63 0.44
N SER F 93 17.77 -27.25 0.83
CA SER F 93 18.22 -27.21 2.21
C SER F 93 18.75 -25.85 2.68
N SER F 94 19.32 -25.05 1.75
CA SER F 94 20.02 -23.81 2.16
C SER F 94 19.20 -22.93 3.11
N ALA F 95 19.91 -22.41 4.10
CA ALA F 95 19.36 -21.47 5.03
C ALA F 95 19.90 -20.10 4.67
N GLY F 96 20.55 -20.05 3.50
CA GLY F 96 21.22 -18.83 3.07
C GLY F 96 20.23 -17.74 2.73
N PRO F 97 20.74 -16.61 2.23
CA PRO F 97 19.87 -15.46 1.98
C PRO F 97 19.06 -15.56 0.69
N ILE F 98 19.41 -16.46 -0.23
CA ILE F 98 18.62 -16.61 -1.45
C ILE F 98 17.24 -17.20 -1.17
N SER F 99 17.21 -18.27 -0.38
CA SER F 99 15.92 -18.89 -0.05
C SER F 99 15.24 -18.13 1.05
N GLN F 100 15.99 -17.32 1.79
CA GLN F 100 15.36 -16.51 2.83
C GLN F 100 14.69 -15.22 2.32
N PHE F 101 15.32 -14.52 1.38
CA PHE F 101 14.81 -13.21 0.94
C PHE F 101 14.57 -13.09 -0.58
N ASN F 102 15.06 -14.01 -1.39
CA ASN F 102 14.98 -13.82 -2.84
C ASN F 102 14.08 -14.77 -3.62
N TYR F 103 14.35 -16.06 -3.50
CA TYR F 103 13.66 -17.05 -4.30
C TYR F 103 13.62 -18.39 -3.58
N LYS F 104 12.41 -18.82 -3.22
CA LYS F 104 12.20 -20.11 -2.57
C LYS F 104 11.24 -20.90 -3.41
N GLN F 105 11.60 -22.10 -3.83
CA GLN F 105 10.64 -22.87 -4.58
C GLN F 105 9.84 -23.74 -3.63
N SER F 106 8.72 -24.27 -4.11
CA SER F 106 7.76 -24.93 -3.23
C SER F 106 8.36 -26.20 -2.66
N PHE F 107 8.00 -26.54 -1.43
CA PHE F 107 8.64 -27.67 -0.79
C PHE F 107 7.77 -28.91 -0.85
N SER F 108 6.58 -28.78 -1.39
CA SER F 108 5.63 -29.88 -1.40
C SER F 108 5.41 -30.48 -2.79
N ASN F 109 6.05 -29.89 -3.79
CA ASN F 109 5.98 -30.37 -5.16
C ASN F 109 7.35 -30.82 -5.62
N PRO F 110 7.40 -31.87 -6.46
CA PRO F 110 8.71 -32.29 -6.95
C PRO F 110 9.41 -31.11 -7.64
N THR F 111 10.72 -30.98 -7.43
CA THR F 111 11.38 -29.71 -7.68
C THR F 111 12.80 -29.88 -8.24
N CYS F 112 13.24 -28.94 -9.06
CA CYS F 112 14.59 -29.03 -9.64
C CYS F 112 15.35 -27.72 -9.54
N LEU F 113 16.67 -27.83 -9.66
CA LEU F 113 17.55 -26.69 -9.50
C LEU F 113 18.77 -26.90 -10.37
N ILE F 114 18.77 -26.23 -11.52
CA ILE F 114 19.83 -26.38 -12.51
C ILE F 114 20.70 -25.13 -12.59
N LEU F 115 22.00 -25.31 -12.47
CA LEU F 115 22.98 -24.23 -12.73
C LEU F 115 23.68 -24.47 -14.05
N ALA F 116 23.75 -23.46 -14.90
CA ALA F 116 24.33 -23.63 -16.22
C ALA F 116 25.15 -22.41 -16.65
N THR F 117 25.90 -22.57 -17.74
CA THR F 117 26.64 -21.44 -18.31
C THR F 117 26.22 -21.35 -19.79
N VAL F 118 25.94 -20.13 -20.28
CA VAL F 118 25.60 -19.94 -21.71
C VAL F 118 26.88 -19.84 -22.53
N PRO F 119 27.01 -20.71 -23.52
CA PRO F 119 28.28 -20.78 -24.26
C PRO F 119 28.34 -19.72 -25.34
N HIS F 120 29.54 -19.50 -25.88
CA HIS F 120 29.73 -18.62 -27.02
C HIS F 120 28.76 -19.06 -28.13
N ASN F 121 28.64 -20.39 -28.28
CA ASN F 121 27.68 -21.02 -29.19
C ASN F 121 26.36 -20.23 -29.29
N LEU F 122 25.67 -20.13 -28.15
CA LEU F 122 24.36 -19.46 -28.04
C LEU F 122 24.55 -17.96 -27.79
N THR F 123 24.12 -17.15 -28.75
CA THR F 123 24.57 -15.79 -28.81
C THR F 123 23.48 -14.76 -28.51
N THR F 124 22.23 -15.21 -28.36
CA THR F 124 21.07 -14.30 -28.23
C THR F 124 20.61 -14.01 -26.79
N ILE F 125 21.45 -14.33 -25.80
CA ILE F 125 21.19 -14.04 -24.39
C ILE F 125 22.07 -12.87 -23.90
N THR F 126 21.49 -11.68 -23.70
CA THR F 126 22.25 -10.53 -23.18
C THR F 126 22.62 -10.64 -21.70
N LYS F 127 23.47 -9.73 -21.25
CA LYS F 127 24.23 -9.91 -20.01
C LYS F 127 24.05 -8.70 -19.10
N PRO F 128 23.61 -8.92 -17.85
CA PRO F 128 23.55 -7.82 -16.88
C PRO F 128 24.94 -7.34 -16.51
N LEU F 129 24.99 -6.24 -15.76
CA LEU F 129 26.26 -5.58 -15.45
C LEU F 129 27.01 -6.30 -14.33
N LYS F 130 26.25 -7.01 -13.53
CA LYS F 130 26.80 -7.81 -12.44
C LYS F 130 25.63 -8.57 -11.88
N TYR F 131 25.92 -9.53 -11.00
CA TYR F 131 24.91 -10.29 -10.27
C TYR F 131 24.55 -9.62 -8.95
N SER F 132 23.24 -9.49 -8.69
CA SER F 132 22.70 -9.04 -7.39
C SER F 132 21.87 -10.10 -6.74
N TYR F 133 21.64 -9.91 -5.46
CA TYR F 133 20.70 -10.68 -4.69
C TYR F 133 20.43 -9.85 -3.47
N ILE F 134 19.19 -9.88 -2.99
CA ILE F 134 18.82 -9.15 -1.78
C ILE F 134 19.29 -9.92 -0.54
N ASN F 135 20.07 -9.30 0.33
CA ASN F 135 20.69 -9.99 1.47
C ASN F 135 20.02 -9.67 2.80
N LYS F 136 19.14 -8.67 2.77
CA LYS F 136 18.35 -8.31 3.92
C LYS F 136 17.07 -7.67 3.45
N CYS F 137 15.98 -7.97 4.12
CA CYS F 137 14.69 -7.38 3.77
C CYS F 137 13.85 -7.30 5.02
N SER F 138 13.67 -6.10 5.53
CA SER F 138 12.94 -5.98 6.76
C SER F 138 11.87 -4.91 6.72
N ARG F 139 10.96 -4.97 7.69
CA ARG F 139 9.98 -3.91 7.88
C ARG F 139 10.27 -3.23 9.20
N LEU F 140 10.32 -1.89 9.21
CA LEU F 140 10.44 -1.18 10.47
C LEU F 140 9.05 -0.71 10.87
N LEU F 141 8.45 -1.43 11.83
CA LEU F 141 7.05 -1.19 12.18
C LEU F 141 6.90 0.23 12.73
N SER F 142 5.70 0.78 12.53
CA SER F 142 5.47 2.21 12.75
C SER F 142 5.48 2.57 14.25
N ASP F 143 5.60 1.56 15.12
CA ASP F 143 5.82 1.78 16.55
C ASP F 143 7.29 2.20 16.83
N ASP F 144 8.13 2.14 15.79
CA ASP F 144 9.53 2.67 15.73
C ASP F 144 10.60 1.88 16.48
N ARG F 145 10.31 0.62 16.78
CA ARG F 145 11.17 -0.14 17.68
C ARG F 145 11.11 -1.63 17.40
N THR F 146 10.51 -2.00 16.27
CA THR F 146 10.47 -3.39 15.84
C THR F 146 10.97 -3.53 14.38
N GLU F 147 11.86 -4.50 14.16
CA GLU F 147 12.26 -4.89 12.80
C GLU F 147 11.80 -6.32 12.53
N VAL F 148 11.00 -6.48 11.48
CA VAL F 148 10.35 -7.74 11.17
C VAL F 148 10.82 -8.28 9.83
N PRO F 149 11.73 -9.25 9.86
CA PRO F 149 12.23 -9.85 8.63
C PRO F 149 11.12 -10.40 7.73
N GLN F 150 11.16 -9.97 6.48
CA GLN F 150 10.15 -10.32 5.52
C GLN F 150 10.60 -11.50 4.72
N LEU F 151 10.41 -12.70 5.27
CA LEU F 151 10.86 -13.90 4.59
C LEU F 151 10.01 -14.21 3.36
N VAL F 152 10.67 -14.46 2.24
CA VAL F 152 10.00 -14.71 0.99
C VAL F 152 9.30 -16.07 1.06
N ASN F 153 8.04 -16.09 0.62
CA ASN F 153 7.28 -17.34 0.47
C ASN F 153 7.56 -18.02 -0.85
N ALA F 154 7.28 -19.31 -0.92
CA ALA F 154 7.47 -20.02 -2.16
C ALA F 154 6.56 -19.47 -3.24
N ASN F 155 7.06 -19.53 -4.47
CA ASN F 155 6.34 -19.13 -5.67
C ASN F 155 5.96 -17.65 -5.67
N GLN F 156 6.69 -16.86 -4.87
CA GLN F 156 6.42 -15.43 -4.78
C GLN F 156 7.69 -14.58 -4.71
N TYR F 157 7.54 -13.26 -4.90
CA TYR F 157 8.66 -12.32 -4.87
C TYR F 157 8.75 -11.61 -3.50
N SER F 158 9.91 -11.09 -3.15
CA SER F 158 10.05 -10.31 -1.93
C SER F 158 9.34 -8.99 -2.09
N PRO F 159 8.76 -8.48 -0.98
CA PRO F 159 8.19 -7.12 -0.93
C PRO F 159 9.15 -6.05 -1.41
N CYS F 160 10.44 -6.34 -1.26
CA CYS F 160 11.44 -5.32 -1.42
C CYS F 160 11.78 -5.08 -2.90
N VAL F 161 11.17 -5.88 -3.77
CA VAL F 161 11.39 -5.79 -5.21
C VAL F 161 11.01 -4.42 -5.75
N SER F 162 10.04 -3.78 -5.11
CA SER F 162 9.56 -2.48 -5.55
C SER F 162 10.55 -1.35 -5.22
N ILE F 163 11.52 -1.61 -4.34
CA ILE F 163 12.46 -0.57 -3.92
C ILE F 163 13.93 -0.93 -4.24
N VAL F 164 14.14 -2.10 -4.85
CA VAL F 164 15.45 -2.54 -5.31
C VAL F 164 15.52 -2.54 -6.85
N PRO F 165 16.52 -1.84 -7.43
CA PRO F 165 16.69 -1.67 -8.87
C PRO F 165 16.90 -3.00 -9.56
N SER F 166 16.64 -3.10 -10.86
CA SER F 166 16.72 -4.37 -11.56
C SER F 166 18.05 -5.09 -11.25
N THR F 167 19.13 -4.32 -11.10
CA THR F 167 20.41 -4.84 -10.63
C THR F 167 21.00 -3.83 -9.66
N VAL F 168 21.42 -4.31 -8.50
CA VAL F 168 22.00 -3.45 -7.46
C VAL F 168 23.24 -2.75 -8.01
N TRP F 169 23.41 -1.46 -7.74
CA TRP F 169 24.48 -0.73 -8.40
C TRP F 169 25.85 -1.12 -7.82
N GLU F 170 26.04 -0.93 -6.51
CA GLU F 170 27.28 -1.30 -5.83
C GLU F 170 27.00 -2.15 -4.60
N ASP F 171 27.98 -2.96 -4.18
CA ASP F 171 27.77 -4.05 -3.23
C ASP F 171 27.10 -3.69 -1.91
N GLY F 172 27.21 -2.46 -1.44
CA GLY F 172 26.66 -2.18 -0.12
C GLY F 172 25.26 -1.59 -0.16
N ASP F 173 24.81 -1.22 -1.36
CA ASP F 173 23.57 -0.47 -1.56
C ASP F 173 22.47 -0.84 -0.55
N TYR F 174 21.95 0.18 0.11
CA TYR F 174 20.93 0.06 1.14
C TYR F 174 19.70 0.80 0.67
N TYR F 175 18.51 0.24 0.91
CA TYR F 175 17.28 0.78 0.35
C TYR F 175 16.20 1.09 1.39
N ARG F 176 15.53 2.22 1.22
CA ARG F 176 14.59 2.71 2.21
C ARG F 176 13.41 3.40 1.55
N LYS F 177 12.22 3.02 1.96
CA LYS F 177 11.01 3.59 1.42
C LYS F 177 10.03 3.78 2.55
N GLN F 178 9.42 4.95 2.63
CA GLN F 178 8.43 5.21 3.66
C GLN F 178 7.08 4.67 3.22
N LEU F 179 6.36 4.01 4.12
CA LEU F 179 5.07 3.42 3.75
C LEU F 179 3.87 4.30 4.13
N SER F 180 2.87 4.36 3.26
CA SER F 180 1.61 5.01 3.59
C SER F 180 0.86 4.15 4.62
N PRO F 181 0.05 4.76 5.48
CA PRO F 181 -0.72 4.00 6.48
C PRO F 181 -1.65 2.90 5.92
N LEU F 182 -2.02 3.02 4.65
CA LEU F 182 -2.78 1.97 3.97
C LEU F 182 -1.91 0.69 3.94
N GLU F 183 -0.65 0.83 3.52
CA GLU F 183 0.28 -0.30 3.44
C GLU F 183 0.78 -0.79 4.80
N GLY F 184 0.32 -0.17 5.89
CA GLY F 184 0.75 -0.62 7.21
C GLY F 184 1.43 0.49 7.99
N GLY F 185 2.18 1.32 7.27
CA GLY F 185 2.63 2.59 7.80
C GLY F 185 4.00 2.68 8.48
N GLY F 186 4.89 1.72 8.25
CA GLY F 186 6.20 1.80 8.87
C GLY F 186 7.28 2.29 7.92
N TRP F 187 8.33 1.50 7.78
CA TRP F 187 9.31 1.66 6.70
C TRP F 187 9.56 0.30 6.07
N LEU F 188 9.85 0.26 4.79
CA LEU F 188 10.32 -0.98 4.18
C LEU F 188 11.77 -0.79 3.84
N VAL F 189 12.61 -1.66 4.39
CA VAL F 189 14.06 -1.50 4.29
C VAL F 189 14.67 -2.73 3.66
N ALA F 190 15.72 -2.56 2.87
CA ALA F 190 16.38 -3.70 2.27
C ALA F 190 17.85 -3.40 2.09
N SER F 191 18.63 -4.46 1.85
CA SER F 191 20.05 -4.33 1.54
C SER F 191 20.36 -5.32 0.43
N GLY F 192 21.25 -4.95 -0.46
CA GLY F 192 21.59 -5.86 -1.54
C GLY F 192 23.08 -6.04 -1.64
N SER F 193 23.48 -7.20 -2.15
CA SER F 193 24.89 -7.46 -2.42
C SER F 193 25.08 -7.83 -3.89
N THR F 194 26.30 -7.62 -4.36
CA THR F 194 26.66 -7.83 -5.76
C THR F 194 27.77 -8.85 -5.91
N VAL F 195 27.75 -9.56 -7.03
CA VAL F 195 28.84 -10.50 -7.36
C VAL F 195 29.33 -10.23 -8.78
N ALA F 196 30.66 -10.14 -8.94
CA ALA F 196 31.26 -9.65 -10.18
C ALA F 196 30.81 -10.48 -11.37
N MET F 197 30.49 -9.81 -12.47
CA MET F 197 30.09 -10.48 -13.69
C MET F 197 31.16 -11.36 -14.27
N THR F 198 30.77 -12.53 -14.77
CA THR F 198 31.73 -13.52 -15.24
C THR F 198 31.83 -13.46 -16.76
N GLU F 199 32.90 -14.06 -17.29
CA GLU F 199 33.20 -14.04 -18.72
C GLU F 199 32.00 -14.42 -19.56
N GLN F 200 31.53 -15.65 -19.34
CA GLN F 200 30.25 -16.08 -19.87
C GLN F 200 29.22 -16.11 -18.73
N LEU F 201 27.98 -15.77 -19.07
CA LEU F 201 26.90 -15.60 -18.10
C LEU F 201 26.53 -16.95 -17.51
N GLN F 202 26.20 -16.93 -16.21
CA GLN F 202 25.80 -18.13 -15.48
C GLN F 202 24.36 -17.99 -14.95
N MET F 203 23.54 -19.00 -15.15
CA MET F 203 22.13 -18.88 -14.85
C MET F 203 21.62 -19.98 -13.96
N GLY F 204 20.47 -19.73 -13.35
CA GLY F 204 19.80 -20.74 -12.57
C GLY F 204 18.41 -20.99 -13.09
N PHE F 205 18.04 -22.25 -13.16
CA PHE F 205 16.71 -22.63 -13.59
C PHE F 205 16.07 -23.39 -12.44
N GLY F 206 14.86 -23.00 -12.06
CA GLY F 206 14.12 -23.76 -11.07
C GLY F 206 12.96 -24.46 -11.75
N ILE F 207 12.83 -25.76 -11.57
CA ILE F 207 11.67 -26.46 -12.12
C ILE F 207 10.77 -27.01 -11.04
N THR F 208 9.46 -26.82 -11.21
CA THR F 208 8.47 -27.30 -10.26
C THR F 208 7.36 -28.00 -11.02
N VAL F 209 7.14 -29.27 -10.72
CA VAL F 209 6.14 -30.05 -11.43
C VAL F 209 4.97 -30.39 -10.55
N GLN F 210 3.81 -30.56 -11.17
CA GLN F 210 2.63 -30.98 -10.44
C GLN F 210 1.99 -32.16 -11.16
N TYR F 211 1.53 -33.17 -10.42
CA TYR F 211 0.83 -34.31 -11.01
C TYR F 211 -0.70 -34.32 -10.75
N GLY F 212 -1.38 -35.34 -11.25
CA GLY F 212 -2.80 -35.57 -11.00
C GLY F 212 -3.71 -34.44 -11.44
N THR F 213 -5.02 -34.57 -11.20
CA THR F 213 -5.60 -35.74 -10.57
C THR F 213 -6.12 -36.74 -11.63
N ASP F 214 -6.20 -36.29 -12.88
CA ASP F 214 -6.63 -37.11 -14.03
C ASP F 214 -6.17 -36.43 -15.34
N THR F 215 -5.27 -35.47 -15.21
CA THR F 215 -5.10 -34.42 -16.20
C THR F 215 -3.67 -34.16 -16.65
N ASN F 216 -2.85 -35.21 -16.76
CA ASN F 216 -1.43 -35.03 -17.06
C ASN F 216 -1.09 -34.77 -18.52
N SER F 217 -1.30 -33.52 -18.94
CA SER F 217 -1.16 -33.18 -20.34
C SER F 217 -0.03 -32.22 -20.65
N VAL F 218 1.13 -32.47 -20.07
CA VAL F 218 2.34 -31.72 -20.37
C VAL F 218 3.35 -32.85 -20.59
N CYS F 219 2.93 -33.84 -21.37
CA CYS F 219 3.79 -34.94 -21.68
C CYS F 219 4.95 -34.54 -22.56
N PRO F 220 5.98 -35.39 -22.63
CA PRO F 220 7.07 -34.91 -23.44
C PRO F 220 6.84 -35.32 -24.89
N LYS F 221 7.73 -34.92 -25.80
CA LYS F 221 7.56 -35.24 -27.22
C LYS F 221 8.48 -36.39 -27.67
#